data_4YCO
#
_entry.id   4YCO
#
_cell.length_a   100.585
_cell.length_b   176.895
_cell.length_c   238.413
_cell.angle_alpha   90.000
_cell.angle_beta   90.000
_cell.angle_gamma   90.000
#
_symmetry.space_group_name_H-M   'C 2 2 21'
#
loop_
_entity.id
_entity.type
_entity.pdbx_description
1 polymer 'tRNA-dihydrouridine synthase C'
2 polymer tRNAphe
3 non-polymer 'FLAVIN MONONUCLEOTIDE'
4 non-polymer 'MAGNESIUM ION'
5 non-polymer 'MANGANESE (II) ION'
6 water water
#
loop_
_entity_poly.entity_id
_entity_poly.type
_entity_poly.pdbx_seq_one_letter_code
_entity_poly.pdbx_strand_id
1 'polypeptide(L)'
;GSHMASMRVLLAPMEGVLDSLVRELLTEVNDYDLCITEFVRVVDQLLPVKVFHRICPELQNASRTPSGTLVRVQLLGQFP
QWLAENAARAVELGSWGVDLNCGAPSKTVNGSGGGATLLKDPELIYQGAKAMREAVPAHLPVSVKVRLGWDSGEKKFEIA
DAVQQAGATELVVHGRTKEQGYRAEHIDWQAIGDIRQRLNIPVIANGEIWDWQSAQQCMAISGCDAVMIGRGALNIPNLS
RVVKYNEPRMPWPEVVALLQKYTRLEKQGDTGLYHVARIKQWLSYLRKEYDEATELFQHVRVLNNSPDIARAIQAIDIEK
L
;
A,B,C
2 'polyribonucleotide' GCGCGGAUAGCUCAGUCGGUAGAGCAGGGGAUUGAAAAUCCCCGUGUCCUUGGUUCGAUUCCGAGUCCGCGCACCA D,E,F
#
loop_
_chem_comp.id
_chem_comp.type
_chem_comp.name
_chem_comp.formula
A RNA linking ADENOSINE-5'-MONOPHOSPHATE 'C10 H14 N5 O7 P'
C RNA linking CYTIDINE-5'-MONOPHOSPHATE 'C9 H14 N3 O8 P'
FMN non-polymer 'FLAVIN MONONUCLEOTIDE' 'C17 H21 N4 O9 P'
G RNA linking GUANOSINE-5'-MONOPHOSPHATE 'C10 H14 N5 O8 P'
MG non-polymer 'MAGNESIUM ION' 'Mg 2'
MN non-polymer 'MANGANESE (II) ION' 'Mn 2'
U RNA linking URIDINE-5'-MONOPHOSPHATE 'C9 H13 N2 O9 P'
#
# COMPACT_ATOMS: atom_id res chain seq x y z
N SER A 6 4.10 29.57 9.50
CA SER A 6 4.54 28.55 10.51
C SER A 6 5.25 27.30 9.89
N MET A 7 5.82 26.51 10.77
CA MET A 7 6.94 25.66 10.45
C MET A 7 6.63 24.40 9.65
N ARG A 8 7.37 24.16 8.57
CA ARG A 8 7.29 22.89 7.83
CA ARG A 8 7.30 22.90 7.82
C ARG A 8 8.53 22.04 8.16
N VAL A 9 8.33 20.75 8.31
CA VAL A 9 9.44 19.86 8.61
C VAL A 9 9.37 18.69 7.66
N LEU A 10 10.44 18.55 6.85
CA LEU A 10 10.50 17.47 5.89
C LEU A 10 11.40 16.36 6.39
N LEU A 11 11.02 15.13 6.09
CA LEU A 11 11.90 13.98 6.35
C LEU A 11 12.78 13.75 5.12
N ALA A 12 14.08 13.75 5.34
CA ALA A 12 15.06 13.68 4.26
C ALA A 12 15.07 12.34 3.56
N PRO A 13 15.55 12.33 2.31
CA PRO A 13 15.82 11.06 1.68
C PRO A 13 17.09 10.47 2.28
N MET A 14 17.05 9.19 2.59
CA MET A 14 18.25 8.52 3.09
C MET A 14 18.37 7.11 2.53
N GLU A 15 19.21 7.00 1.50
CA GLU A 15 19.41 5.72 0.84
C GLU A 15 19.83 4.64 1.84
N GLY A 16 19.17 3.48 1.81
CA GLY A 16 19.55 2.35 2.68
C GLY A 16 19.13 2.49 4.13
N VAL A 17 18.38 3.53 4.44
CA VAL A 17 17.96 3.81 5.80
C VAL A 17 16.49 4.09 5.83
N LEU A 18 16.04 5.14 5.16
CA LEU A 18 14.63 5.53 5.22
C LEU A 18 13.83 4.96 4.06
N ASP A 19 13.60 3.66 4.10
CA ASP A 19 12.79 2.99 3.11
C ASP A 19 11.31 3.09 3.50
N SER A 20 10.43 2.39 2.80
CA SER A 20 9.00 2.58 3.05
C SER A 20 8.60 2.10 4.44
N LEU A 21 9.28 1.08 4.98
CA LEU A 21 8.92 0.56 6.32
C LEU A 21 9.20 1.63 7.38
N VAL A 22 10.38 2.24 7.31
CA VAL A 22 10.74 3.21 8.32
C VAL A 22 9.94 4.50 8.10
N ARG A 23 9.65 4.87 6.85
CA ARG A 23 8.73 5.96 6.63
C ARG A 23 7.36 5.67 7.22
N GLU A 24 6.91 4.41 7.16
CA GLU A 24 5.62 4.04 7.79
C GLU A 24 5.69 4.26 9.29
N LEU A 25 6.69 3.67 9.92
CA LEU A 25 6.85 3.73 11.37
C LEU A 25 7.04 5.16 11.88
N LEU A 26 7.86 5.95 11.21
CA LEU A 26 8.16 7.30 11.68
C LEU A 26 6.97 8.24 11.46
N THR A 27 6.36 8.20 10.29
CA THR A 27 5.30 9.13 10.01
C THR A 27 4.13 8.95 10.96
N GLU A 28 3.92 7.75 11.46
CA GLU A 28 2.80 7.45 12.39
CA GLU A 28 2.79 7.48 12.36
C GLU A 28 2.92 8.24 13.70
N VAL A 29 4.16 8.49 14.14
CA VAL A 29 4.46 9.15 15.41
C VAL A 29 5.12 10.54 15.23
N ASN A 30 4.96 11.14 14.05
CA ASN A 30 5.49 12.45 13.77
C ASN A 30 4.47 13.28 13.02
N ASP A 31 4.79 14.56 12.86
CA ASP A 31 4.08 15.44 11.94
C ASP A 31 5.05 15.95 10.91
N TYR A 32 5.60 15.04 10.11
CA TYR A 32 6.37 15.40 8.93
C TYR A 32 5.43 15.91 7.85
N ASP A 33 5.79 17.02 7.21
CA ASP A 33 4.95 17.58 6.15
C ASP A 33 5.14 16.85 4.82
N LEU A 34 6.26 16.19 4.66
CA LEU A 34 6.59 15.46 3.44
C LEU A 34 7.80 14.56 3.72
N CYS A 35 7.85 13.42 3.05
CA CYS A 35 9.03 12.54 3.02
C CYS A 35 9.54 12.46 1.59
N ILE A 36 10.86 12.35 1.39
CA ILE A 36 11.46 12.09 0.06
C ILE A 36 11.89 10.62 0.04
N THR A 37 11.63 9.92 -1.06
CA THR A 37 12.10 8.52 -1.21
C THR A 37 13.62 8.46 -1.38
N GLU A 38 14.16 7.25 -1.29
CA GLU A 38 15.52 6.98 -1.73
C GLU A 38 15.54 7.32 -3.22
N PHE A 39 16.70 7.69 -3.74
CA PHE A 39 16.80 8.02 -5.17
C PHE A 39 16.56 6.84 -6.12
N VAL A 40 15.89 7.13 -7.23
CA VAL A 40 15.81 6.28 -8.39
C VAL A 40 16.90 6.76 -9.32
N ARG A 41 17.84 5.88 -9.63
CA ARG A 41 19.02 6.25 -10.39
C ARG A 41 18.77 6.15 -11.90
N VAL A 42 18.77 7.28 -12.60
CA VAL A 42 18.47 7.36 -14.02
C VAL A 42 19.78 7.54 -14.77
N VAL A 43 19.96 6.83 -15.88
CA VAL A 43 21.11 7.00 -16.74
C VAL A 43 20.61 7.46 -18.12
N ASP A 44 20.32 6.52 -19.03
CA ASP A 44 19.82 6.85 -20.36
C ASP A 44 18.64 5.99 -20.81
N GLN A 45 17.84 5.51 -19.86
CA GLN A 45 16.65 4.75 -20.17
C GLN A 45 15.49 5.12 -19.26
N LEU A 46 14.30 4.90 -19.80
CA LEU A 46 13.07 4.86 -19.02
C LEU A 46 13.10 3.62 -18.15
N LEU A 47 13.05 3.78 -16.84
CA LEU A 47 13.05 2.65 -15.93
C LEU A 47 11.66 2.01 -15.86
N PRO A 48 11.61 0.69 -15.63
CA PRO A 48 10.35 -0.01 -15.60
C PRO A 48 9.58 0.32 -14.34
N VAL A 49 8.27 0.14 -14.45
CA VAL A 49 7.35 0.43 -13.37
C VAL A 49 7.78 -0.22 -12.04
N LYS A 50 8.22 -1.47 -12.09
CA LYS A 50 8.61 -2.18 -10.86
C LYS A 50 9.72 -1.50 -10.04
N VAL A 51 10.65 -0.81 -10.69
CA VAL A 51 11.66 -0.05 -9.94
C VAL A 51 11.00 1.03 -9.08
N PHE A 52 10.09 1.81 -9.67
CA PHE A 52 9.39 2.86 -8.92
C PHE A 52 8.54 2.28 -7.78
N HIS A 53 7.87 1.16 -8.03
CA HIS A 53 7.07 0.54 -6.97
C HIS A 53 7.90 -0.08 -5.84
N ARG A 54 9.09 -0.60 -6.11
CA ARG A 54 9.94 -1.08 -5.00
C ARG A 54 10.50 0.11 -4.16
N ILE A 55 10.91 1.16 -4.83
CA ILE A 55 11.39 2.33 -4.12
C ILE A 55 10.27 3.10 -3.38
N CYS A 56 9.10 3.19 -4.01
CA CYS A 56 7.94 3.88 -3.43
C CYS A 56 6.63 3.05 -3.44
N PRO A 57 6.49 2.12 -2.49
CA PRO A 57 5.24 1.35 -2.32
C PRO A 57 4.02 2.27 -2.08
N GLU A 58 4.26 3.48 -1.57
CA GLU A 58 3.19 4.43 -1.30
C GLU A 58 2.48 4.89 -2.58
N LEU A 59 3.09 4.65 -3.74
CA LEU A 59 2.44 4.97 -5.03
C LEU A 59 1.11 4.27 -5.22
N GLN A 60 0.96 3.09 -4.63
CA GLN A 60 -0.34 2.42 -4.58
C GLN A 60 -1.29 2.87 -3.48
N ASN A 61 -0.88 3.85 -2.69
CA ASN A 61 -1.77 4.52 -1.76
C ASN A 61 -1.81 6.04 -2.05
N ALA A 62 -1.86 6.41 -3.34
CA ALA A 62 -1.95 7.82 -3.75
C ALA A 62 -0.75 8.63 -3.24
N SER A 63 0.44 8.02 -3.22
CA SER A 63 1.67 8.67 -2.77
C SER A 63 1.70 9.04 -1.29
N ARG A 64 1.00 8.29 -0.44
CA ARG A 64 0.97 8.54 1.00
CA ARG A 64 0.98 8.55 0.99
C ARG A 64 1.41 7.31 1.79
N THR A 65 2.02 7.54 2.94
CA THR A 65 2.25 6.49 3.90
C THR A 65 0.93 6.09 4.51
N PRO A 66 0.89 4.95 5.23
CA PRO A 66 -0.40 4.52 5.75
C PRO A 66 -1.06 5.53 6.68
N SER A 67 -0.28 6.27 7.47
CA SER A 67 -0.82 7.30 8.39
C SER A 67 -1.24 8.59 7.65
N GLY A 68 -0.88 8.68 6.37
CA GLY A 68 -1.39 9.72 5.47
C GLY A 68 -0.40 10.78 5.01
N THR A 69 0.87 10.66 5.37
CA THR A 69 1.85 11.70 5.00
C THR A 69 2.27 11.51 3.55
N LEU A 70 2.33 12.62 2.83
CA LEU A 70 2.71 12.58 1.43
C LEU A 70 4.18 12.21 1.21
N VAL A 71 4.44 11.50 0.11
CA VAL A 71 5.78 11.05 -0.24
C VAL A 71 6.06 11.51 -1.66
N ARG A 72 7.32 11.86 -1.91
CA ARG A 72 7.75 12.30 -3.24
C ARG A 72 8.97 11.51 -3.71
N VAL A 73 8.92 11.01 -4.92
CA VAL A 73 10.02 10.28 -5.51
C VAL A 73 11.18 11.23 -5.91
N GLN A 74 12.41 10.82 -5.64
CA GLN A 74 13.63 11.55 -6.03
C GLN A 74 14.31 10.81 -7.17
N LEU A 75 14.81 11.56 -8.17
CA LEU A 75 15.63 11.01 -9.22
C LEU A 75 17.07 11.48 -9.05
N LEU A 76 17.99 10.65 -9.47
CA LEU A 76 19.42 11.00 -9.51
C LEU A 76 19.91 10.67 -10.91
N GLY A 77 20.34 11.69 -11.63
CA GLY A 77 20.81 11.49 -13.00
C GLY A 77 21.17 12.79 -13.65
N GLN A 78 21.53 12.73 -14.93
CA GLN A 78 22.00 13.93 -15.64
C GLN A 78 21.24 14.25 -16.93
N PHE A 79 21.02 13.26 -17.80
CA PHE A 79 20.52 13.54 -19.14
C PHE A 79 19.07 14.03 -19.10
N PRO A 80 18.82 15.27 -19.61
CA PRO A 80 17.51 15.92 -19.52
C PRO A 80 16.36 15.07 -20.04
N GLN A 81 16.53 14.52 -21.24
CA GLN A 81 15.51 13.65 -21.85
C GLN A 81 15.13 12.50 -20.90
N TRP A 82 16.10 11.91 -20.23
CA TRP A 82 15.80 10.73 -19.40
C TRP A 82 15.32 11.07 -18.03
N LEU A 83 15.78 12.19 -17.48
CA LEU A 83 15.17 12.73 -16.28
C LEU A 83 13.68 13.05 -16.52
N ALA A 84 13.36 13.62 -17.69
CA ALA A 84 11.99 14.00 -18.04
C ALA A 84 11.10 12.79 -18.16
N GLU A 85 11.54 11.79 -18.91
CA GLU A 85 10.70 10.59 -19.08
C GLU A 85 10.46 9.83 -17.77
N ASN A 86 11.47 9.78 -16.90
CA ASN A 86 11.31 9.08 -15.64
C ASN A 86 10.51 9.90 -14.64
N ALA A 87 10.66 11.22 -14.66
CA ALA A 87 9.81 12.09 -13.84
C ALA A 87 8.32 11.90 -14.19
N ALA A 88 8.03 11.86 -15.49
CA ALA A 88 6.64 11.73 -15.96
C ALA A 88 6.06 10.41 -15.51
N ARG A 89 6.87 9.34 -15.58
CA ARG A 89 6.43 8.05 -15.08
C ARG A 89 6.19 8.07 -13.58
N ALA A 90 7.08 8.72 -12.82
CA ALA A 90 6.91 8.81 -11.38
C ALA A 90 5.56 9.44 -11.01
N VAL A 91 5.19 10.51 -11.72
CA VAL A 91 3.95 11.20 -11.40
C VAL A 91 2.73 10.48 -11.97
N GLU A 92 2.87 9.87 -13.14
CA GLU A 92 1.81 9.02 -13.69
C GLU A 92 1.48 7.85 -12.73
N LEU A 93 2.47 7.33 -12.03
CA LEU A 93 2.27 6.30 -11.01
C LEU A 93 1.70 6.80 -9.68
N GLY A 94 1.69 8.11 -9.51
CA GLY A 94 1.04 8.79 -8.41
C GLY A 94 1.94 9.69 -7.56
N SER A 95 3.23 9.80 -7.89
CA SER A 95 4.12 10.55 -7.01
C SER A 95 3.65 12.01 -6.86
N TRP A 96 3.68 12.54 -5.65
CA TRP A 96 3.30 13.91 -5.43
C TRP A 96 4.48 14.83 -5.77
N GLY A 97 4.65 15.03 -7.07
CA GLY A 97 5.75 15.78 -7.61
C GLY A 97 6.96 14.89 -7.70
N VAL A 98 8.09 15.50 -7.99
CA VAL A 98 9.34 14.80 -8.17
C VAL A 98 10.52 15.67 -7.65
N ASP A 99 11.58 15.03 -7.15
CA ASP A 99 12.74 15.72 -6.61
C ASP A 99 13.95 15.34 -7.44
N LEU A 100 14.88 16.27 -7.64
CA LEU A 100 16.15 16.01 -8.32
C LEU A 100 17.27 16.05 -7.28
N ASN A 101 18.07 14.99 -7.24
CA ASN A 101 19.25 14.94 -6.39
C ASN A 101 20.43 15.66 -7.05
N CYS A 102 20.98 16.66 -6.36
CA CYS A 102 22.22 17.33 -6.78
C CYS A 102 23.21 17.38 -5.64
N GLY A 103 23.16 16.38 -4.76
CA GLY A 103 24.03 16.33 -3.58
C GLY A 103 24.84 15.07 -3.36
N ALA A 104 24.44 13.95 -4.00
CA ALA A 104 25.11 12.67 -3.80
C ALA A 104 26.60 12.72 -4.19
N PRO A 105 27.48 12.19 -3.33
CA PRO A 105 28.93 12.20 -3.62
C PRO A 105 29.49 11.41 -4.83
N SER A 106 30.34 12.08 -5.61
CA SER A 106 31.22 11.50 -6.65
C SER A 106 30.50 10.87 -7.85
N GLY A 111 32.52 7.67 -14.40
CA GLY A 111 31.20 7.58 -13.78
C GLY A 111 30.16 8.30 -14.64
N SER A 112 28.92 7.84 -14.59
CA SER A 112 27.77 8.53 -15.19
C SER A 112 27.46 9.75 -14.33
N GLY A 113 27.25 10.91 -14.95
CA GLY A 113 26.99 12.12 -14.19
C GLY A 113 25.73 12.00 -13.33
N GLY A 114 25.69 12.80 -12.27
CA GLY A 114 24.57 12.78 -11.34
C GLY A 114 24.99 13.31 -9.98
N GLY A 115 24.00 13.60 -9.14
CA GLY A 115 24.25 14.07 -7.79
C GLY A 115 25.14 15.29 -7.74
N ALA A 116 26.06 15.29 -6.80
CA ALA A 116 27.03 16.39 -6.63
C ALA A 116 27.82 16.79 -7.88
N THR A 117 28.00 15.90 -8.86
CA THR A 117 28.80 16.28 -10.05
C THR A 117 28.14 17.42 -10.81
N LEU A 118 26.81 17.50 -10.76
CA LEU A 118 26.08 18.58 -11.44
C LEU A 118 26.41 19.94 -10.86
N LEU A 119 26.87 19.96 -9.62
CA LEU A 119 27.28 21.21 -8.98
C LEU A 119 28.54 21.87 -9.57
N LYS A 120 29.34 21.14 -10.34
CA LYS A 120 30.52 21.71 -11.05
C LYS A 120 30.08 22.55 -12.22
N ASP A 121 28.94 22.20 -12.83
CA ASP A 121 28.39 22.95 -13.95
C ASP A 121 26.88 23.14 -13.76
N PRO A 122 26.49 24.25 -13.12
CA PRO A 122 25.08 24.57 -12.89
C PRO A 122 24.18 24.61 -14.14
N GLU A 123 24.75 24.77 -15.33
CA GLU A 123 23.99 24.66 -16.57
C GLU A 123 23.26 23.29 -16.66
N LEU A 124 23.87 22.23 -16.14
CA LEU A 124 23.30 20.90 -16.18
C LEU A 124 22.12 20.77 -15.22
N ILE A 125 22.20 21.47 -14.10
CA ILE A 125 21.10 21.58 -13.19
C ILE A 125 19.93 22.27 -13.88
N TYR A 126 20.21 23.42 -14.51
CA TYR A 126 19.16 24.14 -15.24
C TYR A 126 18.50 23.22 -16.26
N GLN A 127 19.29 22.54 -17.10
CA GLN A 127 18.72 21.73 -18.19
C GLN A 127 17.90 20.53 -17.66
N GLY A 128 18.46 19.84 -16.68
CA GLY A 128 17.80 18.68 -16.05
C GLY A 128 16.49 19.06 -15.38
N ALA A 129 16.55 20.04 -14.49
CA ALA A 129 15.38 20.49 -13.79
C ALA A 129 14.32 21.08 -14.73
N LYS A 130 14.75 21.82 -15.73
CA LYS A 130 13.80 22.43 -16.65
C LYS A 130 13.00 21.37 -17.39
N ALA A 131 13.69 20.32 -17.80
CA ALA A 131 13.06 19.26 -18.56
C ALA A 131 12.08 18.49 -17.67
N MET A 132 12.45 18.33 -16.41
CA MET A 132 11.56 17.75 -15.42
C MET A 132 10.30 18.57 -15.23
N ARG A 133 10.46 19.86 -14.96
CA ARG A 133 9.34 20.77 -14.79
C ARG A 133 8.41 20.75 -15.98
N GLU A 134 8.99 20.65 -17.16
CA GLU A 134 8.21 20.61 -18.39
C GLU A 134 7.51 19.28 -18.64
N ALA A 135 8.01 18.19 -18.07
CA ALA A 135 7.36 16.88 -18.24
C ALA A 135 6.28 16.55 -17.15
N VAL A 136 6.28 17.27 -16.04
CA VAL A 136 5.40 17.01 -14.90
C VAL A 136 4.25 18.02 -14.90
N PRO A 137 2.99 17.54 -14.73
CA PRO A 137 1.82 18.45 -14.65
C PRO A 137 2.08 19.66 -13.77
N ALA A 138 1.72 20.84 -14.24
CA ALA A 138 2.22 22.11 -13.71
C ALA A 138 2.04 22.31 -12.20
N HIS A 139 0.93 21.84 -11.63
CA HIS A 139 0.67 22.11 -10.22
C HIS A 139 1.27 21.09 -9.27
N LEU A 140 1.89 20.04 -9.78
CA LEU A 140 2.68 19.13 -8.96
C LEU A 140 4.09 19.72 -8.77
N PRO A 141 4.63 19.67 -7.54
CA PRO A 141 5.93 20.26 -7.26
C PRO A 141 7.10 19.53 -7.89
N VAL A 142 8.07 20.32 -8.32
CA VAL A 142 9.35 19.80 -8.76
C VAL A 142 10.39 20.44 -7.86
N SER A 143 10.97 19.65 -6.96
CA SER A 143 11.96 20.18 -6.03
C SER A 143 13.37 19.76 -6.44
N VAL A 144 14.36 20.48 -5.95
CA VAL A 144 15.76 20.12 -6.16
C VAL A 144 16.46 20.22 -4.81
N LYS A 145 17.35 19.27 -4.56
CA LYS A 145 18.11 19.27 -3.33
C LYS A 145 19.59 19.39 -3.71
N VAL A 146 20.24 20.44 -3.20
CA VAL A 146 21.62 20.77 -3.56
C VAL A 146 22.52 20.86 -2.31
N ARG A 147 23.81 20.61 -2.52
CA ARG A 147 24.84 21.07 -1.59
C ARG A 147 25.34 22.41 -2.09
N LEU A 148 26.21 23.06 -1.32
CA LEU A 148 26.65 24.42 -1.65
C LEU A 148 27.67 24.48 -2.79
N GLY A 149 28.26 23.34 -3.12
CA GLY A 149 29.25 23.25 -4.20
C GLY A 149 30.02 21.95 -4.07
N TRP A 150 30.97 21.76 -4.98
CA TRP A 150 31.78 20.55 -5.02
C TRP A 150 32.82 20.57 -3.91
N ASP A 151 33.78 21.48 -4.01
CA ASP A 151 34.82 21.65 -3.01
C ASP A 151 34.96 23.12 -2.58
N SER A 152 33.89 23.89 -2.75
CA SER A 152 33.84 25.29 -2.36
C SER A 152 32.41 25.78 -2.56
N GLY A 153 32.11 26.93 -1.99
CA GLY A 153 30.79 27.51 -2.10
C GLY A 153 30.67 28.63 -3.13
N GLU A 154 31.67 28.80 -4.00
CA GLU A 154 31.71 29.97 -4.91
C GLU A 154 30.52 30.04 -5.88
N LYS A 155 30.08 28.89 -6.39
CA LYS A 155 28.97 28.81 -7.35
C LYS A 155 27.57 28.73 -6.73
N LYS A 156 27.43 28.93 -5.42
CA LYS A 156 26.15 28.58 -4.76
C LYS A 156 25.01 29.43 -5.30
N PHE A 157 25.30 30.68 -5.67
CA PHE A 157 24.26 31.55 -6.20
C PHE A 157 23.87 31.14 -7.61
N GLU A 158 24.86 30.73 -8.42
CA GLU A 158 24.64 30.21 -9.78
C GLU A 158 23.82 28.93 -9.75
N ILE A 159 24.10 28.08 -8.76
CA ILE A 159 23.37 26.83 -8.55
C ILE A 159 21.88 27.09 -8.19
N ALA A 160 21.68 27.90 -7.17
CA ALA A 160 20.35 28.31 -6.75
C ALA A 160 19.58 28.98 -7.90
N ASP A 161 20.26 29.85 -8.62
CA ASP A 161 19.66 30.57 -9.74
C ASP A 161 19.28 29.63 -10.91
N ALA A 162 20.06 28.57 -11.12
CA ALA A 162 19.75 27.58 -12.13
C ALA A 162 18.45 26.83 -11.79
N VAL A 163 18.30 26.51 -10.51
CA VAL A 163 17.10 25.85 -10.03
C VAL A 163 15.89 26.76 -10.18
N GLN A 164 16.00 28.01 -9.76
CA GLN A 164 14.89 28.92 -9.92
C GLN A 164 14.56 29.17 -11.39
N GLN A 165 15.57 29.50 -12.20
CA GLN A 165 15.31 29.75 -13.61
C GLN A 165 14.75 28.51 -14.35
N ALA A 166 15.08 27.30 -13.91
CA ALA A 166 14.46 26.09 -14.47
C ALA A 166 12.95 26.03 -14.25
N GLY A 167 12.42 26.87 -13.36
CA GLY A 167 11.02 26.86 -12.95
C GLY A 167 10.70 25.88 -11.81
N ALA A 168 11.71 25.51 -11.01
CA ALA A 168 11.50 24.64 -9.84
C ALA A 168 10.63 25.29 -8.78
N THR A 169 9.93 24.44 -8.01
CA THR A 169 8.98 24.91 -7.04
C THR A 169 9.64 25.32 -5.75
N GLU A 170 10.69 24.60 -5.37
CA GLU A 170 11.34 24.81 -4.09
C GLU A 170 12.72 24.18 -4.14
N LEU A 171 13.62 24.71 -3.33
CA LEU A 171 15.01 24.29 -3.26
C LEU A 171 15.33 23.87 -1.81
N VAL A 172 15.84 22.66 -1.63
CA VAL A 172 16.42 22.27 -0.37
C VAL A 172 17.92 22.47 -0.45
N VAL A 173 18.49 23.19 0.52
CA VAL A 173 19.94 23.40 0.56
C VAL A 173 20.53 22.68 1.78
N HIS A 174 21.33 21.67 1.50
CA HIS A 174 22.16 21.04 2.48
C HIS A 174 23.41 21.94 2.62
N GLY A 175 23.60 22.50 3.82
CA GLY A 175 24.61 23.53 4.08
C GLY A 175 26.07 23.14 4.15
N ARG A 176 26.50 22.29 3.24
CA ARG A 176 27.90 21.85 3.17
C ARG A 176 28.29 21.62 1.72
N THR A 177 29.57 21.72 1.41
CA THR A 177 30.05 21.30 0.09
C THR A 177 30.06 19.80 0.08
N LYS A 178 30.27 19.22 -1.09
CA LYS A 178 30.46 17.79 -1.27
C LYS A 178 31.67 17.24 -0.50
N GLU A 179 32.78 17.95 -0.54
CA GLU A 179 34.00 17.48 0.11
CA GLU A 179 34.02 17.52 0.11
C GLU A 179 33.90 17.59 1.63
N GLN A 180 33.02 18.45 2.13
CA GLN A 180 32.80 18.58 3.56
C GLN A 180 32.01 17.42 4.17
N GLY A 181 31.40 16.59 3.34
CA GLY A 181 30.82 15.33 3.81
C GLY A 181 29.68 15.50 4.81
N TYR A 182 29.75 14.72 5.90
CA TYR A 182 28.84 14.87 7.04
C TYR A 182 29.52 15.49 8.26
N ARG A 183 30.59 16.27 8.04
CA ARG A 183 31.36 16.89 9.15
C ARG A 183 30.65 18.10 9.79
N ALA A 184 30.49 18.05 11.11
CA ALA A 184 29.62 18.99 11.80
C ALA A 184 30.17 20.40 11.81
N GLU A 185 31.49 20.54 11.92
CA GLU A 185 32.10 21.87 12.05
C GLU A 185 31.89 22.71 10.81
N HIS A 186 31.52 22.10 9.71
CA HIS A 186 31.51 22.81 8.44
C HIS A 186 30.14 23.30 8.00
N ILE A 187 29.12 23.01 8.80
CA ILE A 187 27.76 23.37 8.43
C ILE A 187 27.65 24.89 8.28
N ASP A 188 26.95 25.35 7.25
CA ASP A 188 26.90 26.78 6.91
C ASP A 188 25.46 27.22 6.68
N TRP A 189 24.75 27.42 7.78
CA TRP A 189 23.37 27.87 7.72
C TRP A 189 23.29 29.31 7.21
N GLN A 190 24.37 30.06 7.42
CA GLN A 190 24.46 31.44 6.97
C GLN A 190 24.32 31.55 5.45
N ALA A 191 25.00 30.66 4.74
CA ALA A 191 24.96 30.62 3.28
C ALA A 191 23.56 30.26 2.76
N ILE A 192 22.86 29.38 3.49
CA ILE A 192 21.49 29.03 3.12
C ILE A 192 20.63 30.27 3.17
N GLY A 193 20.83 31.05 4.23
CA GLY A 193 20.17 32.35 4.37
C GLY A 193 20.45 33.31 3.23
N ASP A 194 21.70 33.45 2.82
CA ASP A 194 22.03 34.31 1.67
C ASP A 194 21.26 33.84 0.43
N ILE A 195 21.23 32.54 0.20
CA ILE A 195 20.52 31.96 -0.93
C ILE A 195 19.05 32.27 -0.82
N ARG A 196 18.49 32.08 0.38
CA ARG A 196 17.07 32.37 0.59
C ARG A 196 16.72 33.81 0.18
N GLN A 197 17.54 34.76 0.58
CA GLN A 197 17.31 36.17 0.21
C GLN A 197 17.34 36.49 -1.27
N ARG A 198 18.06 35.70 -2.05
CA ARG A 198 18.16 35.93 -3.51
C ARG A 198 16.99 35.31 -4.29
N LEU A 199 16.40 34.24 -3.78
CA LEU A 199 15.40 33.50 -4.55
C LEU A 199 13.98 33.94 -4.24
N ASN A 200 13.11 33.81 -5.24
CA ASN A 200 11.66 33.97 -5.08
C ASN A 200 10.93 32.74 -4.64
N ILE A 201 11.55 31.58 -4.80
CA ILE A 201 10.90 30.31 -4.43
C ILE A 201 11.32 29.91 -3.03
N PRO A 202 10.52 29.07 -2.37
CA PRO A 202 10.96 28.67 -1.03
C PRO A 202 12.32 27.99 -0.99
N VAL A 203 13.05 28.24 0.07
CA VAL A 203 14.31 27.56 0.34
C VAL A 203 14.14 26.84 1.67
N ILE A 204 14.48 25.55 1.68
CA ILE A 204 14.33 24.70 2.86
C ILE A 204 15.73 24.38 3.35
N ALA A 205 15.99 24.62 4.63
CA ALA A 205 17.32 24.49 5.18
C ALA A 205 17.58 23.05 5.61
N ASN A 206 18.81 22.60 5.43
CA ASN A 206 19.14 21.21 5.77
C ASN A 206 20.55 21.10 6.32
N GLY A 207 20.67 20.37 7.43
CA GLY A 207 21.97 19.96 7.98
C GLY A 207 22.14 20.25 9.45
N GLU A 208 22.45 19.21 10.23
CA GLU A 208 22.80 19.33 11.65
C GLU A 208 21.64 19.79 12.54
N ILE A 209 20.43 19.41 12.19
CA ILE A 209 19.31 19.61 13.11
C ILE A 209 19.09 18.36 13.93
N TRP A 210 19.36 18.45 15.23
CA TRP A 210 19.29 17.29 16.13
C TRP A 210 18.22 17.37 17.23
N ASP A 211 17.69 18.56 17.50
CA ASP A 211 16.79 18.81 18.62
C ASP A 211 16.13 20.18 18.45
N TRP A 212 15.34 20.59 19.44
CA TRP A 212 14.56 21.82 19.37
C TRP A 212 15.50 23.01 19.22
N GLN A 213 16.52 23.08 20.07
CA GLN A 213 17.36 24.25 20.15
C GLN A 213 18.11 24.43 18.84
N SER A 214 18.69 23.36 18.32
CA SER A 214 19.40 23.43 17.05
C SER A 214 18.50 23.80 15.85
N ALA A 215 17.24 23.33 15.85
CA ALA A 215 16.29 23.77 14.84
C ALA A 215 16.00 25.27 14.97
N GLN A 216 15.80 25.77 16.20
CA GLN A 216 15.65 27.23 16.42
C GLN A 216 16.82 28.05 15.90
N GLN A 217 18.04 27.58 16.18
CA GLN A 217 19.25 28.25 15.72
C GLN A 217 19.29 28.25 14.19
N CYS A 218 18.98 27.11 13.60
CA CYS A 218 18.99 27.00 12.16
C CYS A 218 18.00 27.99 11.51
N MET A 219 16.79 28.04 12.05
CA MET A 219 15.75 28.92 11.51
C MET A 219 16.02 30.38 11.79
N ALA A 220 16.69 30.66 12.91
CA ALA A 220 17.08 32.01 13.22
C ALA A 220 18.18 32.51 12.26
N ILE A 221 19.16 31.67 12.00
CA ILE A 221 20.31 32.04 11.21
C ILE A 221 20.01 32.01 9.71
N SER A 222 19.35 30.97 9.23
CA SER A 222 19.04 30.85 7.80
C SER A 222 17.87 31.73 7.38
N GLY A 223 17.04 32.11 8.33
CA GLY A 223 15.76 32.75 8.02
C GLY A 223 14.71 31.82 7.43
N CYS A 224 14.99 30.53 7.33
CA CYS A 224 14.02 29.60 6.77
C CYS A 224 13.01 29.23 7.83
N ASP A 225 11.76 29.00 7.44
CA ASP A 225 10.80 28.39 8.36
C ASP A 225 10.37 27.01 7.86
N ALA A 226 11.08 26.52 6.86
CA ALA A 226 10.97 25.14 6.46
C ALA A 226 12.36 24.52 6.63
N VAL A 227 12.40 23.34 7.26
CA VAL A 227 13.64 22.61 7.40
C VAL A 227 13.45 21.14 7.06
N MET A 228 14.57 20.50 6.72
CA MET A 228 14.62 19.09 6.42
C MET A 228 15.56 18.42 7.40
N ILE A 229 15.13 17.28 7.93
CA ILE A 229 15.92 16.54 8.90
C ILE A 229 16.21 15.12 8.44
N GLY A 230 17.49 14.74 8.52
CA GLY A 230 17.95 13.41 8.09
C GLY A 230 18.31 12.50 9.25
N ARG A 231 19.60 12.50 9.60
CA ARG A 231 20.17 11.59 10.58
C ARG A 231 19.50 11.73 11.96
N GLY A 232 19.15 12.96 12.32
CA GLY A 232 18.54 13.24 13.59
C GLY A 232 17.18 12.62 13.77
N ALA A 233 16.52 12.31 12.67
CA ALA A 233 15.24 11.65 12.66
C ALA A 233 15.34 10.16 13.03
N LEU A 234 16.52 9.55 12.89
CA LEU A 234 16.77 8.20 13.42
C LEU A 234 17.23 8.24 14.86
N ASN A 235 18.14 9.19 15.17
CA ASN A 235 18.60 9.38 16.56
C ASN A 235 17.45 9.59 17.52
N ILE A 236 16.49 10.43 17.13
CA ILE A 236 15.34 10.75 17.94
C ILE A 236 14.07 10.53 17.09
N PRO A 237 13.40 9.38 17.31
CA PRO A 237 12.33 8.99 16.40
C PRO A 237 11.13 9.93 16.30
N ASN A 238 10.89 10.79 17.30
CA ASN A 238 9.83 11.82 17.22
C ASN A 238 10.38 13.25 17.00
N LEU A 239 11.49 13.33 16.29
CA LEU A 239 12.17 14.60 16.12
C LEU A 239 11.27 15.71 15.54
N SER A 240 10.31 15.37 14.67
CA SER A 240 9.47 16.43 14.06
C SER A 240 8.67 17.15 15.14
N ARG A 241 8.23 16.40 16.15
CA ARG A 241 7.42 16.96 17.23
CA ARG A 241 7.42 16.98 17.22
C ARG A 241 8.27 17.67 18.28
N VAL A 242 9.47 17.18 18.48
CA VAL A 242 10.44 17.84 19.32
C VAL A 242 10.72 19.21 18.70
N VAL A 243 11.00 19.21 17.41
CA VAL A 243 11.35 20.43 16.70
C VAL A 243 10.17 21.41 16.60
N LYS A 244 8.98 20.91 16.27
CA LYS A 244 7.83 21.81 16.07
C LYS A 244 7.23 22.30 17.37
N TYR A 245 7.11 21.41 18.35
CA TYR A 245 6.40 21.74 19.60
C TYR A 245 7.25 21.70 20.86
N ASN A 246 8.55 21.43 20.72
CA ASN A 246 9.43 21.31 21.87
C ASN A 246 8.99 20.22 22.87
N GLU A 247 8.39 19.16 22.36
CA GLU A 247 8.08 18.01 23.19
C GLU A 247 9.38 17.33 23.62
N PRO A 248 9.32 16.55 24.69
CA PRO A 248 10.46 15.72 25.00
C PRO A 248 10.76 14.69 23.91
N ARG A 249 12.00 14.26 23.81
CA ARG A 249 12.35 13.16 22.93
C ARG A 249 11.55 11.92 23.33
N MET A 250 11.24 11.07 22.38
CA MET A 250 10.56 9.83 22.66
C MET A 250 11.25 9.09 23.81
N PRO A 251 10.53 8.77 24.88
CA PRO A 251 11.06 7.94 25.97
C PRO A 251 11.57 6.58 25.48
N TRP A 252 12.63 6.06 26.08
CA TRP A 252 13.24 4.79 25.64
C TRP A 252 12.27 3.60 25.53
N PRO A 253 11.33 3.45 26.48
CA PRO A 253 10.42 2.33 26.28
C PRO A 253 9.59 2.43 25.01
N GLU A 254 9.24 3.65 24.59
CA GLU A 254 8.48 3.81 23.35
C GLU A 254 9.36 3.63 22.13
N VAL A 255 10.66 3.95 22.23
CA VAL A 255 11.56 3.64 21.12
C VAL A 255 11.64 2.12 20.91
N VAL A 256 11.76 1.36 22.00
CA VAL A 256 11.80 -0.09 21.91
C VAL A 256 10.50 -0.66 21.33
N ALA A 257 9.34 -0.11 21.70
CA ALA A 257 8.08 -0.55 21.07
C ALA A 257 8.09 -0.31 19.55
N LEU A 258 8.69 0.79 19.13
CA LEU A 258 8.76 1.11 17.72
C LEU A 258 9.63 0.07 17.00
N LEU A 259 10.73 -0.34 17.62
CA LEU A 259 11.60 -1.35 17.01
C LEU A 259 10.96 -2.71 16.96
N GLN A 260 10.18 -3.02 17.98
CA GLN A 260 9.37 -4.22 17.96
C GLN A 260 8.42 -4.22 16.75
N LYS A 261 7.72 -3.12 16.52
CA LYS A 261 6.82 -2.99 15.37
C LYS A 261 7.59 -3.24 14.08
N TYR A 262 8.80 -2.70 14.03
CA TYR A 262 9.62 -2.82 12.83
C TYR A 262 9.85 -4.28 12.53
N THR A 263 10.17 -5.05 13.56
CA THR A 263 10.48 -6.46 13.34
C THR A 263 9.25 -7.22 12.87
N ARG A 264 8.06 -6.62 12.96
CA ARG A 264 6.84 -7.29 12.53
CA ARG A 264 6.83 -7.29 12.53
C ARG A 264 6.40 -6.84 11.14
N LEU A 265 7.10 -5.88 10.55
CA LEU A 265 6.83 -5.48 9.17
C LEU A 265 7.60 -6.35 8.19
N GLU A 266 6.96 -6.69 7.07
CA GLU A 266 7.58 -7.55 6.06
C GLU A 266 8.21 -6.66 5.04
N LYS A 267 9.44 -6.98 4.65
CA LYS A 267 10.12 -6.23 3.62
C LYS A 267 9.97 -6.97 2.30
N GLN A 268 9.37 -6.35 1.29
CA GLN A 268 9.23 -7.02 -0.02
C GLN A 268 10.59 -7.30 -0.63
N GLY A 269 10.82 -8.55 -1.02
CA GLY A 269 12.11 -8.95 -1.60
C GLY A 269 13.28 -9.09 -0.62
N ASP A 270 12.96 -9.17 0.68
CA ASP A 270 13.95 -9.46 1.72
C ASP A 270 14.79 -10.67 1.32
N THR A 271 16.10 -10.48 1.12
CA THR A 271 16.94 -11.60 0.75
C THR A 271 17.37 -12.39 2.00
N GLY A 272 16.80 -12.11 3.16
CA GLY A 272 17.00 -12.94 4.35
C GLY A 272 17.49 -12.21 5.59
N LEU A 273 18.19 -11.10 5.42
CA LEU A 273 18.83 -10.48 6.56
C LEU A 273 18.46 -9.00 6.76
N TYR A 274 17.34 -8.55 6.17
CA TYR A 274 16.88 -7.17 6.31
C TYR A 274 16.83 -6.70 7.76
N HIS A 275 16.21 -7.46 8.65
CA HIS A 275 16.04 -6.95 10.01
C HIS A 275 17.32 -7.05 10.79
N VAL A 276 18.15 -8.04 10.45
CA VAL A 276 19.45 -8.13 11.10
C VAL A 276 20.15 -6.81 10.76
N ALA A 277 20.19 -6.49 9.48
CA ALA A 277 20.86 -5.27 9.00
C ALA A 277 20.32 -4.00 9.60
N ARG A 278 19.00 -3.83 9.49
CA ARG A 278 18.36 -2.54 9.76
C ARG A 278 18.07 -2.27 11.23
N ILE A 279 17.84 -3.33 12.04
CA ILE A 279 17.76 -3.12 13.47
C ILE A 279 19.14 -2.73 14.01
N LYS A 280 20.19 -3.38 13.55
CA LYS A 280 21.51 -3.02 14.06
C LYS A 280 21.87 -1.61 13.60
N GLN A 281 21.55 -1.29 12.36
CA GLN A 281 21.81 0.06 11.82
C GLN A 281 21.07 1.18 12.58
N TRP A 282 19.76 1.01 12.83
CA TRP A 282 19.01 2.02 13.56
C TRP A 282 19.56 2.13 14.98
N LEU A 283 19.87 1.00 15.61
CA LEU A 283 20.49 1.07 16.92
C LEU A 283 21.81 1.87 16.94
N SER A 284 22.59 1.81 15.88
CA SER A 284 23.85 2.59 15.87
C SER A 284 23.54 4.11 15.83
N TYR A 285 22.43 4.52 15.22
CA TYR A 285 21.98 5.91 15.34
C TYR A 285 21.51 6.19 16.77
N LEU A 286 20.71 5.29 17.31
CA LEU A 286 20.06 5.54 18.59
C LEU A 286 21.06 5.64 19.75
N ARG A 287 22.19 4.99 19.64
CA ARG A 287 23.15 5.04 20.74
C ARG A 287 23.90 6.34 20.85
N LYS A 288 23.80 7.19 19.83
CA LYS A 288 24.33 8.54 19.91
C LYS A 288 23.48 9.40 20.84
N GLU A 289 22.31 8.91 21.22
CA GLU A 289 21.32 9.72 21.94
C GLU A 289 20.86 9.05 23.22
N TYR A 290 20.58 7.75 23.18
CA TYR A 290 20.05 7.03 24.34
C TYR A 290 21.12 6.10 24.91
N ASP A 291 21.50 6.30 26.17
CA ASP A 291 22.40 5.40 26.87
C ASP A 291 21.93 3.95 26.76
N GLU A 292 20.62 3.76 26.92
CA GLU A 292 20.01 2.43 26.88
C GLU A 292 20.23 1.70 25.54
N ALA A 293 20.45 2.43 24.44
CA ALA A 293 20.64 1.77 23.15
C ALA A 293 21.98 1.05 23.07
N THR A 294 22.95 1.45 23.88
CA THR A 294 24.23 0.75 23.91
C THR A 294 24.06 -0.67 24.52
N GLU A 295 23.38 -0.79 25.65
CA GLU A 295 23.04 -2.11 26.22
C GLU A 295 22.33 -2.97 25.18
N LEU A 296 21.26 -2.44 24.59
CA LEU A 296 20.48 -3.23 23.64
C LEU A 296 21.28 -3.64 22.41
N PHE A 297 22.14 -2.77 21.93
CA PHE A 297 22.99 -3.12 20.79
C PHE A 297 23.91 -4.29 21.14
N GLN A 298 24.49 -4.27 22.34
CA GLN A 298 25.37 -5.36 22.77
C GLN A 298 24.62 -6.68 22.86
N HIS A 299 23.38 -6.62 23.30
CA HIS A 299 22.55 -7.80 23.49
C HIS A 299 22.19 -8.43 22.12
N VAL A 300 22.13 -7.64 21.05
CA VAL A 300 21.78 -8.18 19.73
C VAL A 300 22.94 -8.22 18.75
N ARG A 301 24.11 -7.80 19.22
CA ARG A 301 25.28 -7.58 18.37
CA ARG A 301 25.24 -7.57 18.34
C ARG A 301 25.56 -8.79 17.49
N VAL A 302 25.59 -9.94 18.11
CA VAL A 302 26.05 -11.14 17.45
C VAL A 302 24.96 -12.03 16.87
N LEU A 303 23.70 -11.60 16.94
CA LEU A 303 22.61 -12.39 16.35
C LEU A 303 22.69 -12.18 14.85
N ASN A 304 22.76 -13.26 14.09
CA ASN A 304 23.12 -13.19 12.67
C ASN A 304 22.03 -13.76 11.73
N ASN A 305 20.82 -13.90 12.25
CA ASN A 305 19.67 -14.21 11.41
C ASN A 305 18.40 -13.49 11.89
N SER A 306 17.44 -13.33 11.00
CA SER A 306 16.23 -12.56 11.28
C SER A 306 15.30 -13.18 12.34
N PRO A 307 15.10 -14.50 12.30
CA PRO A 307 14.30 -15.12 13.36
C PRO A 307 14.86 -14.78 14.74
N ASP A 308 16.17 -14.89 14.91
CA ASP A 308 16.81 -14.66 16.20
C ASP A 308 16.70 -13.22 16.62
N ILE A 309 16.93 -12.27 15.69
CA ILE A 309 16.91 -10.90 16.14
C ILE A 309 15.47 -10.49 16.46
N ALA A 310 14.53 -10.94 15.65
CA ALA A 310 13.13 -10.61 15.88
C ALA A 310 12.66 -11.16 17.21
N ARG A 311 13.06 -12.38 17.53
CA ARG A 311 12.64 -12.99 18.80
C ARG A 311 13.20 -12.21 19.98
N ALA A 312 14.47 -11.80 19.89
CA ALA A 312 15.12 -11.07 20.97
C ALA A 312 14.53 -9.65 21.14
N ILE A 313 14.31 -8.93 20.05
CA ILE A 313 13.68 -7.60 20.18
C ILE A 313 12.25 -7.73 20.76
N GLN A 314 11.46 -8.67 20.26
CA GLN A 314 10.09 -8.85 20.73
C GLN A 314 9.99 -9.35 22.16
N ALA A 315 11.03 -10.00 22.68
CA ALA A 315 10.98 -10.54 24.04
C ALA A 315 11.20 -9.47 25.13
N ILE A 316 11.62 -8.27 24.75
CA ILE A 316 11.88 -7.20 25.70
C ILE A 316 10.55 -6.72 26.30
N ASP A 317 10.44 -6.75 27.62
CA ASP A 317 9.22 -6.30 28.31
C ASP A 317 9.25 -4.77 28.50
N ILE A 318 8.42 -4.06 27.74
CA ILE A 318 8.33 -2.60 27.76
C ILE A 318 7.95 -2.03 29.15
N GLU A 319 7.33 -2.86 30.00
CA GLU A 319 6.93 -2.44 31.35
C GLU A 319 8.05 -2.52 32.39
N LYS A 320 9.00 -3.43 32.20
CA LYS A 320 10.14 -3.59 33.13
C LYS A 320 11.25 -2.59 32.84
N SER B 6 21.70 -32.69 -5.74
CA SER B 6 20.63 -33.00 -6.76
C SER B 6 19.20 -32.94 -6.20
N MET B 7 18.25 -32.83 -7.13
CA MET B 7 16.85 -32.60 -6.80
C MET B 7 16.18 -33.69 -5.94
N ARG B 8 15.45 -33.28 -4.90
CA ARG B 8 14.67 -34.22 -4.11
CA ARG B 8 14.66 -34.19 -4.06
C ARG B 8 13.19 -34.06 -4.43
N VAL B 9 12.50 -35.19 -4.61
CA VAL B 9 11.06 -35.19 -4.80
C VAL B 9 10.39 -36.06 -3.74
N LEU B 10 9.48 -35.45 -2.99
CA LEU B 10 8.72 -36.13 -1.97
C LEU B 10 7.28 -36.38 -2.42
N LEU B 11 6.72 -37.52 -2.04
CA LEU B 11 5.32 -37.80 -2.29
C LEU B 11 4.49 -37.31 -1.09
N ALA B 12 3.53 -36.44 -1.39
CA ALA B 12 2.76 -35.76 -0.37
C ALA B 12 1.86 -36.74 0.39
N PRO B 13 1.53 -36.41 1.64
CA PRO B 13 0.47 -37.16 2.33
C PRO B 13 -0.86 -36.82 1.72
N MET B 14 -1.70 -37.83 1.50
CA MET B 14 -3.02 -37.58 0.94
C MET B 14 -4.08 -38.49 1.55
N GLU B 15 -4.77 -37.97 2.55
CA GLU B 15 -5.79 -38.71 3.30
C GLU B 15 -6.83 -39.23 2.35
N GLY B 16 -7.11 -40.54 2.45
CA GLY B 16 -8.15 -41.19 1.64
C GLY B 16 -7.74 -41.51 0.19
N VAL B 17 -6.47 -41.27 -0.12
CA VAL B 17 -5.97 -41.46 -1.47
C VAL B 17 -4.65 -42.21 -1.46
N LEU B 18 -3.61 -41.65 -0.84
CA LEU B 18 -2.31 -42.30 -0.86
C LEU B 18 -2.12 -43.16 0.39
N ASP B 19 -2.84 -44.29 0.43
CA ASP B 19 -2.66 -45.26 1.49
C ASP B 19 -1.48 -46.15 1.10
N SER B 20 -1.24 -47.19 1.89
CA SER B 20 -0.05 -48.01 1.67
C SER B 20 -0.07 -48.77 0.34
N LEU B 21 -1.26 -49.17 -0.12
CA LEU B 21 -1.37 -49.85 -1.40
C LEU B 21 -0.88 -48.98 -2.57
N VAL B 22 -1.35 -47.74 -2.61
CA VAL B 22 -1.01 -46.83 -3.70
C VAL B 22 0.45 -46.37 -3.54
N ARG B 23 0.90 -46.23 -2.30
CA ARG B 23 2.32 -45.94 -2.07
C ARG B 23 3.20 -47.07 -2.61
N GLU B 24 2.73 -48.32 -2.46
CA GLU B 24 3.46 -49.45 -2.98
C GLU B 24 3.53 -49.43 -4.48
N LEU B 25 2.37 -49.20 -5.11
CA LEU B 25 2.27 -49.14 -6.56
C LEU B 25 3.14 -48.01 -7.12
N LEU B 26 3.01 -46.82 -6.55
CA LEU B 26 3.71 -45.68 -7.08
C LEU B 26 5.22 -45.74 -6.82
N THR B 27 5.67 -46.15 -5.64
CA THR B 27 7.11 -46.09 -5.37
C THR B 27 7.89 -47.04 -6.24
N GLU B 28 7.23 -48.14 -6.59
CA GLU B 28 7.79 -49.13 -7.52
C GLU B 28 8.17 -48.53 -8.90
N VAL B 29 7.36 -47.59 -9.41
CA VAL B 29 7.57 -47.04 -10.76
C VAL B 29 8.03 -45.57 -10.70
N ASN B 30 8.61 -45.17 -9.59
CA ASN B 30 9.03 -43.79 -9.38
C ASN B 30 10.34 -43.77 -8.64
N ASP B 31 10.87 -42.56 -8.48
CA ASP B 31 12.00 -42.32 -7.62
C ASP B 31 11.67 -41.25 -6.59
N TYR B 32 10.72 -41.51 -5.71
CA TYR B 32 10.44 -40.60 -4.64
C TYR B 32 11.51 -40.74 -3.59
N ASP B 33 11.96 -39.63 -3.04
CA ASP B 33 12.92 -39.69 -1.95
C ASP B 33 12.27 -40.06 -0.63
N LEU B 34 10.99 -39.76 -0.48
CA LEU B 34 10.28 -40.03 0.75
C LEU B 34 8.79 -39.96 0.46
N CYS B 35 8.00 -40.73 1.21
CA CYS B 35 6.54 -40.57 1.25
C CYS B 35 6.09 -40.23 2.65
N ILE B 36 5.07 -39.40 2.76
CA ILE B 36 4.45 -39.09 4.04
C ILE B 36 3.14 -39.85 4.16
N THR B 37 2.84 -40.39 5.34
CA THR B 37 1.56 -41.09 5.51
C THR B 37 0.43 -40.09 5.69
N GLU B 38 -0.80 -40.59 5.55
CA GLU B 38 -2.00 -39.88 5.99
C GLU B 38 -1.89 -39.58 7.47
N PHE B 39 -2.54 -38.50 7.92
CA PHE B 39 -2.34 -38.03 9.29
C PHE B 39 -2.86 -39.06 10.28
N VAL B 40 -2.14 -39.20 11.40
CA VAL B 40 -2.63 -39.86 12.61
C VAL B 40 -3.13 -38.74 13.51
N ARG B 41 -4.44 -38.70 13.74
CA ARG B 41 -5.04 -37.63 14.52
C ARG B 41 -4.85 -37.81 16.02
N VAL B 42 -4.13 -36.89 16.63
CA VAL B 42 -3.84 -36.85 18.06
C VAL B 42 -4.73 -35.82 18.73
N VAL B 43 -5.35 -36.19 19.85
CA VAL B 43 -6.06 -35.27 20.72
C VAL B 43 -5.33 -35.23 22.07
N ASP B 44 -5.74 -36.04 23.05
CA ASP B 44 -5.11 -36.00 24.36
C ASP B 44 -4.72 -37.36 24.94
N GLN B 45 -4.47 -38.33 24.08
CA GLN B 45 -3.96 -39.63 24.53
C GLN B 45 -2.89 -40.14 23.60
N LEU B 46 -2.08 -41.03 24.16
CA LEU B 46 -1.20 -41.89 23.40
C LEU B 46 -2.05 -42.87 22.58
N LEU B 47 -1.89 -42.92 21.26
CA LEU B 47 -2.75 -43.79 20.46
C LEU B 47 -2.22 -45.21 20.49
N PRO B 48 -3.12 -46.22 20.39
CA PRO B 48 -2.62 -47.58 20.46
C PRO B 48 -1.76 -47.94 19.26
N VAL B 49 -0.90 -48.92 19.47
CA VAL B 49 0.01 -49.37 18.43
C VAL B 49 -0.76 -49.75 17.14
N LYS B 50 -1.94 -50.34 17.29
CA LYS B 50 -2.70 -50.79 16.11
C LYS B 50 -3.09 -49.65 15.15
N VAL B 51 -3.24 -48.42 15.64
CA VAL B 51 -3.58 -47.29 14.75
C VAL B 51 -2.40 -46.98 13.82
N PHE B 52 -1.19 -46.98 14.37
CA PHE B 52 -0.01 -46.65 13.56
C PHE B 52 0.17 -47.70 12.49
N HIS B 53 -0.07 -48.96 12.86
CA HIS B 53 0.14 -50.05 11.91
C HIS B 53 -0.88 -50.04 10.78
N ARG B 54 -2.13 -49.74 11.11
CA ARG B 54 -3.16 -49.53 10.07
C ARG B 54 -2.80 -48.39 9.13
N ILE B 55 -2.49 -47.23 9.65
CA ILE B 55 -2.15 -46.09 8.80
C ILE B 55 -0.81 -46.33 8.05
N CYS B 56 0.14 -46.98 8.70
CA CYS B 56 1.46 -47.18 8.11
C CYS B 56 1.88 -48.63 8.26
N PRO B 57 1.39 -49.50 7.37
CA PRO B 57 1.85 -50.89 7.31
C PRO B 57 3.37 -51.04 7.06
N GLU B 58 4.00 -50.03 6.45
CA GLU B 58 5.46 -50.05 6.21
C GLU B 58 6.28 -50.09 7.52
N LEU B 59 5.67 -49.72 8.65
CA LEU B 59 6.39 -49.74 9.93
C LEU B 59 6.94 -51.12 10.23
N GLN B 60 6.29 -52.15 9.70
CA GLN B 60 6.75 -53.51 9.93
CA GLN B 60 6.66 -53.54 9.88
C GLN B 60 7.71 -53.97 8.84
N ASN B 61 8.06 -53.07 7.91
CA ASN B 61 9.14 -53.27 6.94
C ASN B 61 10.17 -52.13 7.09
N ALA B 62 10.55 -51.85 8.33
CA ALA B 62 11.54 -50.83 8.67
C ALA B 62 11.23 -49.44 8.08
N SER B 63 9.95 -49.10 8.03
CA SER B 63 9.41 -47.86 7.50
C SER B 63 9.62 -47.65 6.02
N ARG B 64 9.56 -48.74 5.23
CA ARG B 64 9.76 -48.69 3.79
CA ARG B 64 9.74 -48.63 3.81
C ARG B 64 8.61 -49.36 3.05
N THR B 65 8.26 -48.82 1.89
CA THR B 65 7.41 -49.54 0.95
C THR B 65 8.15 -50.80 0.47
N PRO B 66 7.46 -51.69 -0.25
CA PRO B 66 8.20 -52.92 -0.57
C PRO B 66 9.34 -52.74 -1.62
N SER B 67 9.24 -51.72 -2.47
CA SER B 67 10.35 -51.34 -3.35
C SER B 67 11.51 -50.64 -2.60
N GLY B 68 11.28 -50.24 -1.35
CA GLY B 68 12.34 -49.72 -0.47
C GLY B 68 12.33 -48.21 -0.17
N THR B 69 11.32 -47.51 -0.64
CA THR B 69 11.27 -46.05 -0.42
C THR B 69 10.85 -45.74 1.01
N LEU B 70 11.57 -44.84 1.67
CA LEU B 70 11.24 -44.51 3.05
C LEU B 70 9.90 -43.79 3.14
N VAL B 71 9.26 -44.04 4.29
CA VAL B 71 7.98 -43.48 4.62
C VAL B 71 8.07 -42.86 6.01
N ARG B 72 7.36 -41.76 6.20
CA ARG B 72 7.33 -41.06 7.48
C ARG B 72 5.91 -40.79 7.97
N VAL B 73 5.66 -41.11 9.23
CA VAL B 73 4.35 -40.87 9.82
C VAL B 73 4.10 -39.38 10.06
N GLN B 74 2.89 -38.94 9.71
CA GLN B 74 2.40 -37.59 10.03
C GLN B 74 1.39 -37.61 11.19
N LEU B 75 1.58 -36.65 12.11
CA LEU B 75 0.67 -36.39 13.20
C LEU B 75 -0.03 -35.06 12.97
N LEU B 76 -1.30 -35.02 13.39
CA LEU B 76 -2.12 -33.82 13.41
C LEU B 76 -2.67 -33.72 14.80
N GLY B 77 -2.37 -32.60 15.46
CA GLY B 77 -2.83 -32.34 16.83
C GLY B 77 -2.25 -31.04 17.36
N GLN B 78 -2.44 -30.79 18.64
CA GLN B 78 -2.07 -29.52 19.23
C GLN B 78 -1.27 -29.63 20.51
N PHE B 79 -1.75 -30.41 21.49
CA PHE B 79 -1.15 -30.42 22.83
C PHE B 79 0.26 -31.01 22.83
N PRO B 80 1.28 -30.20 23.22
CA PRO B 80 2.66 -30.68 23.07
C PRO B 80 2.94 -32.04 23.72
N GLN B 81 2.50 -32.21 24.96
CA GLN B 81 2.69 -33.48 25.66
C GLN B 81 2.24 -34.69 24.86
N TRP B 82 1.08 -34.58 24.22
CA TRP B 82 0.54 -35.70 23.45
C TRP B 82 1.13 -35.84 22.06
N LEU B 83 1.45 -34.73 21.42
CA LEU B 83 2.25 -34.82 20.19
C LEU B 83 3.57 -35.53 20.45
N ALA B 84 4.20 -35.20 21.58
CA ALA B 84 5.48 -35.83 21.94
C ALA B 84 5.35 -37.34 22.15
N GLU B 85 4.38 -37.75 22.95
CA GLU B 85 4.22 -39.18 23.23
C GLU B 85 3.90 -39.98 21.99
N ASN B 86 3.06 -39.44 21.12
CA ASN B 86 2.73 -40.12 19.87
C ASN B 86 3.90 -40.14 18.86
N ALA B 87 4.68 -39.06 18.82
CA ALA B 87 5.90 -39.04 18.00
C ALA B 87 6.89 -40.13 18.46
N ALA B 88 7.10 -40.23 19.77
CA ALA B 88 8.00 -41.23 20.33
C ALA B 88 7.52 -42.64 19.95
N ARG B 89 6.22 -42.90 20.07
CA ARG B 89 5.69 -44.20 19.68
C ARG B 89 5.88 -44.43 18.17
N ALA B 90 5.61 -43.41 17.37
CA ALA B 90 5.76 -43.55 15.93
C ALA B 90 7.18 -44.01 15.55
N VAL B 91 8.19 -43.38 16.14
CA VAL B 91 9.56 -43.74 15.80
C VAL B 91 10.02 -45.02 16.49
N GLU B 92 9.50 -45.30 17.68
CA GLU B 92 9.75 -46.60 18.30
C GLU B 92 9.22 -47.73 17.39
N LEU B 93 8.09 -47.54 16.74
CA LEU B 93 7.58 -48.54 15.81
C LEU B 93 8.30 -48.60 14.47
N GLY B 94 9.23 -47.67 14.25
CA GLY B 94 10.04 -47.70 13.06
C GLY B 94 10.03 -46.48 12.17
N SER B 95 9.15 -45.52 12.39
CA SER B 95 8.96 -44.42 11.41
C SER B 95 10.27 -43.65 11.24
N TRP B 96 10.57 -43.28 10.01
CA TRP B 96 11.80 -42.54 9.75
C TRP B 96 11.56 -41.06 10.01
N GLY B 97 11.59 -40.72 11.28
CA GLY B 97 11.28 -39.35 11.69
C GLY B 97 9.79 -39.22 11.80
N VAL B 98 9.32 -37.99 11.95
CA VAL B 98 7.89 -37.70 12.11
C VAL B 98 7.59 -36.33 11.54
N ASP B 99 6.37 -36.18 11.01
CA ASP B 99 5.90 -34.93 10.40
C ASP B 99 4.76 -34.38 11.24
N LEU B 100 4.71 -33.05 11.35
CA LEU B 100 3.57 -32.32 11.92
C LEU B 100 2.74 -31.62 10.84
N ASN B 101 1.46 -31.98 10.78
CA ASN B 101 0.45 -31.29 9.95
C ASN B 101 0.08 -29.92 10.52
N CYS B 102 0.33 -28.85 9.75
CA CYS B 102 -0.20 -27.52 10.09
C CYS B 102 -0.92 -26.90 8.91
N GLY B 103 -1.49 -27.73 8.04
CA GLY B 103 -2.17 -27.25 6.84
C GLY B 103 -3.63 -27.63 6.70
N ALA B 104 -4.06 -28.70 7.39
CA ALA B 104 -5.43 -29.24 7.25
C ALA B 104 -6.50 -28.20 7.57
N PRO B 105 -7.40 -27.92 6.60
CA PRO B 105 -8.53 -27.00 6.78
C PRO B 105 -9.46 -27.44 7.92
N SER B 106 -10.15 -26.49 8.55
CA SER B 106 -10.93 -26.72 9.78
C SER B 106 -10.01 -27.03 10.97
N GLY B 111 -13.90 -26.84 17.95
CA GLY B 111 -13.38 -28.20 17.86
C GLY B 111 -11.97 -28.33 18.41
N SER B 112 -11.42 -29.53 18.34
CA SER B 112 -10.07 -29.81 18.87
C SER B 112 -9.03 -29.19 17.93
N GLY B 113 -8.10 -28.43 18.49
CA GLY B 113 -7.10 -27.76 17.68
C GLY B 113 -6.21 -28.72 16.88
N GLY B 114 -5.62 -28.20 15.82
CA GLY B 114 -4.71 -28.95 14.98
C GLY B 114 -4.85 -28.55 13.53
N GLY B 115 -3.87 -28.95 12.73
CA GLY B 115 -3.86 -28.56 11.33
C GLY B 115 -3.72 -27.06 11.16
N ALA B 116 -4.48 -26.51 10.23
CA ALA B 116 -4.46 -25.10 9.89
C ALA B 116 -4.76 -24.16 11.07
N THR B 117 -5.54 -24.62 12.07
CA THR B 117 -5.87 -23.77 13.22
C THR B 117 -4.62 -23.30 13.97
N LEU B 118 -3.56 -24.11 13.96
CA LEU B 118 -2.29 -23.74 14.56
C LEU B 118 -1.69 -22.50 13.88
N LEU B 119 -2.10 -22.20 12.65
CA LEU B 119 -1.52 -21.07 11.89
C LEU B 119 -2.01 -19.71 12.42
N LYS B 120 -3.14 -19.71 13.12
CA LYS B 120 -3.64 -18.49 13.76
C LYS B 120 -2.79 -18.08 14.96
N ASP B 121 -2.02 -19.03 15.50
CA ASP B 121 -1.21 -18.81 16.69
C ASP B 121 0.04 -19.70 16.62
N PRO B 122 1.08 -19.19 15.97
CA PRO B 122 2.31 -19.95 15.70
C PRO B 122 3.10 -20.34 16.96
N GLU B 123 2.80 -19.71 18.09
CA GLU B 123 3.30 -20.18 19.38
C GLU B 123 2.93 -21.68 19.63
N LEU B 124 1.77 -22.10 19.14
CA LEU B 124 1.35 -23.48 19.26
C LEU B 124 2.22 -24.37 18.38
N ILE B 125 2.59 -23.89 17.20
CA ILE B 125 3.47 -24.65 16.32
C ILE B 125 4.83 -24.81 16.98
N TYR B 126 5.34 -23.73 17.54
CA TYR B 126 6.61 -23.76 18.25
C TYR B 126 6.58 -24.79 19.40
N GLN B 127 5.59 -24.70 20.28
CA GLN B 127 5.52 -25.62 21.43
C GLN B 127 5.31 -27.08 20.99
N GLY B 128 4.53 -27.29 19.93
CA GLY B 128 4.22 -28.62 19.46
C GLY B 128 5.41 -29.28 18.82
N ALA B 129 6.03 -28.57 17.90
CA ALA B 129 7.16 -29.11 17.18
C ALA B 129 8.37 -29.27 18.08
N LYS B 130 8.55 -28.34 19.00
CA LYS B 130 9.64 -28.40 19.96
C LYS B 130 9.51 -29.66 20.85
N ALA B 131 8.29 -29.91 21.31
CA ALA B 131 8.04 -31.10 22.13
C ALA B 131 8.34 -32.38 21.32
N MET B 132 7.93 -32.40 20.05
CA MET B 132 8.23 -33.54 19.17
C MET B 132 9.73 -33.73 18.95
N ARG B 133 10.43 -32.61 18.75
CA ARG B 133 11.86 -32.66 18.52
C ARG B 133 12.57 -33.23 19.74
N GLU B 134 12.14 -32.84 20.92
CA GLU B 134 12.80 -33.30 22.13
C GLU B 134 12.44 -34.76 22.43
N ALA B 135 11.33 -35.28 21.91
CA ALA B 135 10.97 -36.69 22.11
C ALA B 135 11.56 -37.62 21.07
N VAL B 136 12.06 -37.10 19.96
CA VAL B 136 12.49 -37.96 18.88
C VAL B 136 14.02 -37.98 18.80
N PRO B 137 14.62 -39.19 18.73
CA PRO B 137 16.09 -39.32 18.60
C PRO B 137 16.70 -38.38 17.58
N ALA B 138 17.83 -37.78 17.96
CA ALA B 138 18.32 -36.56 17.30
C ALA B 138 18.59 -36.72 15.81
N HIS B 139 19.01 -37.90 15.35
CA HIS B 139 19.34 -38.05 13.93
C HIS B 139 18.16 -38.42 13.06
N LEU B 140 16.98 -38.60 13.65
CA LEU B 140 15.77 -38.75 12.85
C LEU B 140 15.15 -37.39 12.64
N PRO B 141 14.70 -37.08 11.39
CA PRO B 141 14.14 -35.78 11.12
C PRO B 141 12.78 -35.56 11.72
N VAL B 142 12.54 -34.34 12.18
CA VAL B 142 11.22 -33.90 12.54
C VAL B 142 10.87 -32.78 11.56
N SER B 143 9.84 -33.01 10.73
CA SER B 143 9.45 -32.03 9.71
C SER B 143 8.08 -31.46 10.05
N VAL B 144 7.82 -30.29 9.50
CA VAL B 144 6.55 -29.60 9.67
C VAL B 144 6.08 -29.20 8.29
N LYS B 145 4.79 -29.35 8.05
CA LYS B 145 4.20 -28.92 6.79
C LYS B 145 3.19 -27.83 7.11
N VAL B 146 3.32 -26.68 6.43
CA VAL B 146 2.46 -25.53 6.71
C VAL B 146 1.79 -25.03 5.44
N ARG B 147 0.71 -24.28 5.64
CA ARG B 147 0.18 -23.35 4.64
C ARG B 147 0.70 -21.96 5.02
N LEU B 148 0.46 -20.96 4.17
CA LEU B 148 1.01 -19.62 4.41
C LEU B 148 0.25 -18.82 5.48
N GLY B 149 -0.96 -19.26 5.80
CA GLY B 149 -1.75 -18.66 6.86
C GLY B 149 -3.17 -19.17 6.82
N TRP B 150 -4.00 -18.64 7.70
CA TRP B 150 -5.40 -19.04 7.80
C TRP B 150 -6.22 -18.31 6.72
N ASP B 151 -6.48 -17.02 6.90
CA ASP B 151 -7.20 -16.23 5.88
C ASP B 151 -6.36 -15.07 5.32
N SER B 152 -5.05 -15.13 5.52
CA SER B 152 -4.09 -14.20 4.89
C SER B 152 -2.67 -14.75 5.06
N GLY B 153 -1.75 -14.29 4.23
CA GLY B 153 -0.36 -14.73 4.27
C GLY B 153 0.49 -13.89 5.20
N GLU B 154 -0.15 -12.98 5.94
CA GLU B 154 0.56 -11.96 6.69
C GLU B 154 1.49 -12.48 7.79
N LYS B 155 1.15 -13.61 8.39
CA LYS B 155 1.94 -14.17 9.48
C LYS B 155 2.90 -15.27 9.03
N LYS B 156 3.26 -15.31 7.75
CA LYS B 156 4.00 -16.46 7.22
C LYS B 156 5.42 -16.58 7.80
N PHE B 157 5.99 -15.48 8.27
CA PHE B 157 7.31 -15.52 8.86
C PHE B 157 7.23 -15.87 10.33
N GLU B 158 6.16 -15.48 11.01
CA GLU B 158 5.95 -15.96 12.39
C GLU B 158 5.83 -17.48 12.40
N ILE B 159 5.06 -17.99 11.45
CA ILE B 159 4.87 -19.43 11.26
C ILE B 159 6.21 -20.12 10.97
N ALA B 160 6.95 -19.61 9.99
CA ALA B 160 8.22 -20.20 9.61
C ALA B 160 9.24 -20.14 10.73
N ASP B 161 9.32 -18.99 11.39
CA ASP B 161 10.23 -18.78 12.51
C ASP B 161 9.96 -19.78 13.64
N ALA B 162 8.69 -20.03 13.96
CA ALA B 162 8.33 -20.99 15.03
C ALA B 162 8.87 -22.39 14.73
N VAL B 163 8.83 -22.78 13.47
CA VAL B 163 9.32 -24.08 13.03
C VAL B 163 10.84 -24.16 13.21
N GLN B 164 11.55 -23.14 12.74
CA GLN B 164 12.99 -23.11 12.92
C GLN B 164 13.37 -23.04 14.39
N GLN B 165 12.67 -22.23 15.18
CA GLN B 165 13.08 -22.01 16.56
C GLN B 165 12.79 -23.24 17.39
N ALA B 166 11.82 -24.05 16.97
CA ALA B 166 11.53 -25.29 17.65
C ALA B 166 12.61 -26.37 17.40
N GLY B 167 13.50 -26.14 16.44
CA GLY B 167 14.57 -27.10 16.18
C GLY B 167 14.17 -28.18 15.19
N ALA B 168 13.13 -27.90 14.40
CA ALA B 168 12.72 -28.83 13.33
C ALA B 168 13.80 -28.94 12.29
N THR B 169 13.79 -30.07 11.60
CA THR B 169 14.80 -30.45 10.62
C THR B 169 14.54 -29.79 9.24
N GLU B 170 13.28 -29.71 8.83
CA GLU B 170 12.94 -29.14 7.52
C GLU B 170 11.47 -28.72 7.52
N LEU B 171 11.13 -27.88 6.54
CA LEU B 171 9.83 -27.27 6.49
C LEU B 171 9.30 -27.42 5.08
N VAL B 172 8.09 -27.97 4.97
CA VAL B 172 7.41 -28.02 3.71
C VAL B 172 6.39 -26.90 3.74
N VAL B 173 6.35 -26.13 2.67
CA VAL B 173 5.46 -25.03 2.55
C VAL B 173 4.57 -25.27 1.36
N HIS B 174 3.30 -25.42 1.65
CA HIS B 174 2.26 -25.41 0.66
C HIS B 174 1.92 -23.94 0.44
N GLY B 175 2.11 -23.46 -0.79
CA GLY B 175 2.06 -22.03 -1.13
C GLY B 175 0.69 -21.38 -1.24
N ARG B 176 -0.21 -21.72 -0.32
CA ARG B 176 -1.54 -21.13 -0.26
C ARG B 176 -2.01 -21.00 1.19
N THR B 177 -2.96 -20.10 1.42
CA THR B 177 -3.62 -19.99 2.73
C THR B 177 -4.64 -21.11 2.85
N LYS B 178 -5.11 -21.34 4.07
CA LYS B 178 -6.20 -22.25 4.27
C LYS B 178 -7.40 -21.84 3.42
N GLU B 179 -7.84 -20.58 3.53
CA GLU B 179 -9.03 -20.13 2.81
CA GLU B 179 -9.00 -20.04 2.79
C GLU B 179 -8.92 -20.25 1.28
N GLN B 180 -7.69 -20.23 0.75
CA GLN B 180 -7.48 -20.39 -0.69
C GLN B 180 -7.62 -21.83 -1.17
N GLY B 181 -7.65 -22.80 -0.25
CA GLY B 181 -7.97 -24.18 -0.57
C GLY B 181 -7.03 -24.86 -1.55
N TYR B 182 -7.62 -25.41 -2.62
CA TYR B 182 -6.87 -26.01 -3.73
C TYR B 182 -7.02 -25.21 -5.03
N ARG B 183 -7.32 -23.91 -4.92
CA ARG B 183 -7.56 -23.06 -6.10
C ARG B 183 -6.24 -22.65 -6.75
N ALA B 184 -6.10 -22.92 -8.04
CA ALA B 184 -4.81 -22.78 -8.73
C ALA B 184 -4.28 -21.35 -8.91
N GLU B 185 -5.16 -20.34 -9.00
CA GLU B 185 -4.68 -18.98 -9.27
C GLU B 185 -4.01 -18.29 -8.06
N HIS B 186 -4.16 -18.88 -6.88
CA HIS B 186 -3.64 -18.29 -5.66
C HIS B 186 -2.30 -18.88 -5.22
N ILE B 187 -1.75 -19.79 -6.02
CA ILE B 187 -0.48 -20.40 -5.66
C ILE B 187 0.62 -19.34 -5.63
N ASP B 188 1.48 -19.39 -4.63
CA ASP B 188 2.49 -18.34 -4.43
C ASP B 188 3.85 -18.94 -4.14
N TRP B 189 4.57 -19.31 -5.18
CA TRP B 189 5.92 -19.86 -5.03
C TRP B 189 6.94 -18.81 -4.58
N GLN B 190 6.70 -17.54 -4.87
CA GLN B 190 7.63 -16.50 -4.43
C GLN B 190 7.64 -16.41 -2.89
N ALA B 191 6.46 -16.53 -2.29
CA ALA B 191 6.35 -16.50 -0.83
C ALA B 191 7.17 -17.64 -0.18
N ILE B 192 7.17 -18.80 -0.82
CA ILE B 192 7.98 -19.94 -0.36
C ILE B 192 9.46 -19.58 -0.46
N GLY B 193 9.81 -18.87 -1.53
CA GLY B 193 11.17 -18.39 -1.74
C GLY B 193 11.66 -17.45 -0.65
N ASP B 194 10.79 -16.52 -0.24
CA ASP B 194 11.07 -15.59 0.87
C ASP B 194 11.31 -16.34 2.17
N ILE B 195 10.50 -17.35 2.39
CA ILE B 195 10.69 -18.19 3.57
C ILE B 195 12.02 -18.94 3.51
N ARG B 196 12.34 -19.55 2.37
CA ARG B 196 13.61 -20.26 2.20
C ARG B 196 14.81 -19.33 2.49
N GLN B 197 14.75 -18.12 2.00
CA GLN B 197 15.85 -17.15 2.20
C GLN B 197 16.02 -16.70 3.65
N ARG B 198 14.92 -16.69 4.41
CA ARG B 198 14.95 -16.30 5.82
C ARG B 198 15.50 -17.39 6.77
N LEU B 199 15.22 -18.64 6.45
CA LEU B 199 15.57 -19.73 7.33
C LEU B 199 16.92 -20.36 7.02
N ASN B 200 17.47 -21.12 7.97
CA ASN B 200 18.67 -21.91 7.70
C ASN B 200 18.44 -23.41 7.75
N ILE B 201 17.17 -23.83 7.82
CA ILE B 201 16.78 -25.22 7.58
C ILE B 201 16.26 -25.38 6.14
N PRO B 202 16.29 -26.61 5.59
CA PRO B 202 15.76 -26.87 4.26
C PRO B 202 14.27 -26.53 4.12
N VAL B 203 13.92 -25.88 3.02
CA VAL B 203 12.55 -25.60 2.72
C VAL B 203 12.17 -26.31 1.44
N ILE B 204 11.05 -27.03 1.51
CA ILE B 204 10.57 -27.87 0.42
C ILE B 204 9.30 -27.25 -0.15
N ALA B 205 9.26 -27.02 -1.46
CA ALA B 205 8.17 -26.30 -2.10
C ALA B 205 7.05 -27.23 -2.44
N ASN B 206 5.82 -26.79 -2.25
CA ASN B 206 4.65 -27.63 -2.54
C ASN B 206 3.54 -26.76 -3.11
N GLY B 207 2.83 -27.34 -4.07
CA GLY B 207 1.65 -26.71 -4.65
C GLY B 207 1.76 -26.60 -6.15
N GLU B 208 0.81 -27.20 -6.85
CA GLU B 208 0.60 -27.02 -8.28
C GLU B 208 1.75 -27.45 -9.17
N ILE B 209 2.49 -28.48 -8.78
CA ILE B 209 3.52 -29.03 -9.67
C ILE B 209 2.92 -30.22 -10.39
N TRP B 210 2.76 -30.12 -11.71
CA TRP B 210 2.04 -31.15 -12.49
C TRP B 210 2.86 -31.81 -13.59
N ASP B 211 4.01 -31.24 -13.91
CA ASP B 211 4.86 -31.83 -14.92
C ASP B 211 6.25 -31.24 -14.81
N TRP B 212 7.09 -31.54 -15.79
CA TRP B 212 8.46 -31.13 -15.72
C TRP B 212 8.55 -29.61 -15.73
N GLN B 213 7.74 -29.01 -16.57
CA GLN B 213 7.83 -27.58 -16.80
C GLN B 213 7.46 -26.80 -15.54
N SER B 214 6.30 -27.11 -14.98
CA SER B 214 5.86 -26.43 -13.78
C SER B 214 6.79 -26.67 -12.58
N ALA B 215 7.47 -27.82 -12.54
CA ALA B 215 8.44 -28.08 -11.47
C ALA B 215 9.65 -27.16 -11.65
N GLN B 216 10.14 -27.03 -12.87
CA GLN B 216 11.23 -26.10 -13.18
C GLN B 216 10.91 -24.67 -12.78
N GLN B 217 9.70 -24.22 -13.12
CA GLN B 217 9.27 -22.87 -12.78
C GLN B 217 9.24 -22.70 -11.25
N CYS B 218 8.70 -23.69 -10.57
CA CYS B 218 8.59 -23.66 -9.11
C CYS B 218 9.98 -23.58 -8.45
N MET B 219 10.93 -24.37 -8.92
CA MET B 219 12.29 -24.31 -8.39
C MET B 219 13.03 -23.02 -8.77
N ALA B 220 12.81 -22.52 -9.98
CA ALA B 220 13.43 -21.27 -10.38
C ALA B 220 12.96 -20.15 -9.47
N ILE B 221 11.65 -19.98 -9.34
CA ILE B 221 11.07 -18.93 -8.51
C ILE B 221 11.36 -19.08 -7.02
N SER B 222 11.18 -20.27 -6.47
CA SER B 222 11.31 -20.41 -5.03
C SER B 222 12.76 -20.57 -4.60
N GLY B 223 13.59 -21.09 -5.50
CA GLY B 223 14.99 -21.38 -5.21
C GLY B 223 15.15 -22.72 -4.53
N CYS B 224 14.07 -23.45 -4.32
CA CYS B 224 14.17 -24.75 -3.66
C CYS B 224 14.72 -25.78 -4.60
N ASP B 225 15.51 -26.71 -4.09
CA ASP B 225 15.86 -27.88 -4.89
C ASP B 225 15.16 -29.14 -4.40
N ALA B 226 14.25 -28.99 -3.45
CA ALA B 226 13.37 -30.08 -3.03
C ALA B 226 11.93 -29.62 -3.23
N VAL B 227 11.10 -30.49 -3.80
CA VAL B 227 9.66 -30.24 -3.94
C VAL B 227 8.84 -31.46 -3.46
N MET B 228 7.60 -31.18 -3.08
CA MET B 228 6.63 -32.22 -2.74
C MET B 228 5.44 -32.13 -3.68
N ILE B 229 5.03 -33.28 -4.21
CA ILE B 229 3.91 -33.37 -5.13
C ILE B 229 2.81 -34.29 -4.56
N GLY B 230 1.57 -33.84 -4.65
CA GLY B 230 0.40 -34.55 -4.21
C GLY B 230 -0.46 -34.96 -5.40
N ARG B 231 -1.38 -34.09 -5.76
CA ARG B 231 -2.44 -34.45 -6.71
C ARG B 231 -1.90 -34.88 -8.08
N GLY B 232 -0.86 -34.19 -8.54
CA GLY B 232 -0.21 -34.53 -9.80
C GLY B 232 0.40 -35.92 -9.87
N ALA B 233 0.75 -36.48 -8.69
CA ALA B 233 1.32 -37.81 -8.59
C ALA B 233 0.28 -38.91 -8.87
N LEU B 234 -1.01 -38.55 -8.76
CA LEU B 234 -2.14 -39.43 -9.17
C LEU B 234 -2.47 -39.20 -10.66
N ASN B 235 -2.51 -37.94 -11.06
CA ASN B 235 -2.76 -37.57 -12.46
C ASN B 235 -1.80 -38.25 -13.43
N ILE B 236 -0.51 -38.22 -13.08
CA ILE B 236 0.55 -38.81 -13.87
C ILE B 236 1.33 -39.76 -12.97
N PRO B 237 1.08 -41.07 -13.10
CA PRO B 237 1.63 -41.98 -12.10
C PRO B 237 3.17 -42.02 -11.96
N ASN B 238 3.90 -41.68 -13.01
CA ASN B 238 5.38 -41.64 -12.94
C ASN B 238 5.98 -40.23 -12.75
N LEU B 239 5.23 -39.33 -12.11
CA LEU B 239 5.60 -37.90 -12.09
C LEU B 239 6.98 -37.59 -11.49
N SER B 240 7.40 -38.35 -10.47
CA SER B 240 8.76 -38.19 -9.94
C SER B 240 9.83 -38.24 -11.02
N ARG B 241 9.71 -39.17 -11.95
CA ARG B 241 10.68 -39.36 -13.03
CA ARG B 241 10.70 -39.34 -13.02
C ARG B 241 10.51 -38.30 -14.13
N VAL B 242 9.27 -37.87 -14.33
CA VAL B 242 8.97 -36.82 -15.28
C VAL B 242 9.64 -35.54 -14.80
N VAL B 243 9.50 -35.30 -13.50
CA VAL B 243 10.00 -34.09 -12.84
C VAL B 243 11.54 -34.13 -12.73
N LYS B 244 12.08 -35.24 -12.24
CA LYS B 244 13.54 -35.37 -12.10
C LYS B 244 14.32 -35.49 -13.39
N TYR B 245 13.82 -36.23 -14.37
CA TYR B 245 14.63 -36.58 -15.57
C TYR B 245 13.98 -36.18 -16.88
N ASN B 246 12.88 -35.43 -16.83
CA ASN B 246 12.15 -35.01 -18.02
C ASN B 246 11.72 -36.18 -18.91
N GLU B 247 11.45 -37.34 -18.31
CA GLU B 247 10.97 -38.49 -19.10
C GLU B 247 9.51 -38.23 -19.49
N PRO B 248 9.02 -38.87 -20.55
CA PRO B 248 7.63 -38.65 -20.91
C PRO B 248 6.67 -39.26 -19.87
N ARG B 249 5.43 -38.80 -19.85
CA ARG B 249 4.44 -39.32 -18.91
C ARG B 249 4.20 -40.81 -19.17
N MET B 250 3.80 -41.55 -18.15
CA MET B 250 3.53 -42.96 -18.32
C MET B 250 2.48 -43.14 -19.43
N PRO B 251 2.80 -43.95 -20.45
CA PRO B 251 1.82 -44.20 -21.51
C PRO B 251 0.58 -44.84 -20.97
N TRP B 252 -0.56 -44.55 -21.58
CA TRP B 252 -1.84 -45.05 -21.10
C TRP B 252 -1.88 -46.56 -20.82
N PRO B 253 -1.33 -47.38 -21.73
CA PRO B 253 -1.36 -48.82 -21.47
C PRO B 253 -0.66 -49.25 -20.18
N GLU B 254 0.44 -48.61 -19.82
CA GLU B 254 1.11 -48.87 -18.54
C GLU B 254 0.31 -48.35 -17.34
N VAL B 255 -0.41 -47.26 -17.52
CA VAL B 255 -1.36 -46.82 -16.50
C VAL B 255 -2.41 -47.94 -16.25
N VAL B 256 -2.94 -48.52 -17.32
CA VAL B 256 -3.94 -49.59 -17.22
C VAL B 256 -3.37 -50.81 -16.45
N ALA B 257 -2.12 -51.17 -16.76
CA ALA B 257 -1.41 -52.25 -16.05
C ALA B 257 -1.29 -51.96 -14.55
N LEU B 258 -1.02 -50.70 -14.23
CA LEU B 258 -0.94 -50.25 -12.84
C LEU B 258 -2.31 -50.41 -12.14
N LEU B 259 -3.37 -50.00 -12.82
CA LEU B 259 -4.73 -50.20 -12.30
C LEU B 259 -5.07 -51.69 -12.15
N GLN B 260 -4.73 -52.51 -13.13
CA GLN B 260 -4.95 -53.95 -13.03
C GLN B 260 -4.24 -54.52 -11.81
N LYS B 261 -3.02 -54.04 -11.58
CA LYS B 261 -2.25 -54.43 -10.42
C LYS B 261 -2.91 -54.02 -9.11
N TYR B 262 -3.49 -52.82 -9.08
CA TYR B 262 -4.21 -52.32 -7.91
C TYR B 262 -5.39 -53.25 -7.57
N THR B 263 -6.17 -53.64 -8.58
CA THR B 263 -7.36 -54.50 -8.36
C THR B 263 -6.98 -55.85 -7.75
N ARG B 264 -5.72 -56.22 -7.82
CA ARG B 264 -5.22 -57.48 -7.29
C ARG B 264 -4.50 -57.35 -5.97
N LEU B 265 -4.32 -56.14 -5.45
CA LEU B 265 -3.74 -55.99 -4.10
C LEU B 265 -4.82 -56.12 -3.03
N GLU B 266 -4.55 -56.92 -2.00
CA GLU B 266 -5.49 -57.12 -0.89
C GLU B 266 -5.40 -55.90 0.05
N LYS B 267 -6.53 -55.32 0.43
CA LYS B 267 -6.53 -54.25 1.45
C LYS B 267 -6.88 -54.88 2.79
N GLN B 268 -6.08 -54.64 3.82
CA GLN B 268 -6.33 -55.26 5.13
C GLN B 268 -7.60 -54.66 5.74
N GLY B 269 -8.49 -55.51 6.26
CA GLY B 269 -9.76 -55.07 6.84
C GLY B 269 -10.78 -54.52 5.84
N ASP B 270 -10.57 -54.83 4.57
CA ASP B 270 -11.50 -54.46 3.50
C ASP B 270 -12.91 -55.03 3.82
N THR B 271 -13.91 -54.16 3.84
CA THR B 271 -15.30 -54.57 4.04
C THR B 271 -15.98 -55.02 2.74
N GLY B 272 -15.26 -54.96 1.62
CA GLY B 272 -15.81 -55.35 0.32
C GLY B 272 -15.88 -54.23 -0.71
N LEU B 273 -15.89 -52.97 -0.29
CA LEU B 273 -16.09 -51.84 -1.23
C LEU B 273 -14.85 -50.98 -1.49
N TYR B 274 -13.68 -51.42 -1.04
CA TYR B 274 -12.47 -50.65 -1.20
C TYR B 274 -12.14 -50.39 -2.67
N HIS B 275 -12.05 -51.45 -3.46
CA HIS B 275 -11.56 -51.29 -4.85
C HIS B 275 -12.53 -50.52 -5.75
N VAL B 276 -13.82 -50.67 -5.50
CA VAL B 276 -14.86 -49.90 -6.20
C VAL B 276 -14.57 -48.43 -6.01
N ALA B 277 -14.52 -48.02 -4.74
CA ALA B 277 -14.27 -46.65 -4.36
C ALA B 277 -12.99 -46.12 -4.95
N ARG B 278 -11.88 -46.81 -4.67
CA ARG B 278 -10.54 -46.27 -4.97
C ARG B 278 -10.13 -46.31 -6.44
N ILE B 279 -10.61 -47.30 -7.19
CA ILE B 279 -10.41 -47.33 -8.65
C ILE B 279 -11.21 -46.19 -9.29
N LYS B 280 -12.44 -45.96 -8.83
CA LYS B 280 -13.22 -44.83 -9.34
C LYS B 280 -12.52 -43.50 -9.00
N GLN B 281 -12.03 -43.39 -7.77
CA GLN B 281 -11.36 -42.18 -7.32
C GLN B 281 -10.10 -41.89 -8.14
N TRP B 282 -9.27 -42.92 -8.36
CA TRP B 282 -8.06 -42.70 -9.13
C TRP B 282 -8.40 -42.30 -10.57
N LEU B 283 -9.36 -42.99 -11.20
CA LEU B 283 -9.75 -42.62 -12.57
C LEU B 283 -10.21 -41.16 -12.66
N SER B 284 -10.77 -40.63 -11.59
CA SER B 284 -11.22 -39.25 -11.56
C SER B 284 -10.07 -38.25 -11.59
N TYR B 285 -8.89 -38.65 -11.10
CA TYR B 285 -7.68 -37.84 -11.25
C TYR B 285 -7.06 -38.03 -12.63
N LEU B 286 -6.97 -39.29 -13.04
CA LEU B 286 -6.36 -39.64 -14.33
C LEU B 286 -7.06 -39.01 -15.53
N ARG B 287 -8.35 -38.77 -15.43
CA ARG B 287 -9.10 -38.23 -16.56
C ARG B 287 -8.76 -36.78 -16.86
N LYS B 288 -8.14 -36.07 -15.92
CA LYS B 288 -7.67 -34.70 -16.17
C LYS B 288 -6.44 -34.70 -17.06
N GLU B 289 -5.76 -35.84 -17.19
CA GLU B 289 -4.53 -35.94 -17.96
C GLU B 289 -4.65 -36.80 -19.21
N TYR B 290 -5.33 -37.94 -19.11
CA TYR B 290 -5.44 -38.89 -20.20
C TYR B 290 -6.86 -38.90 -20.79
N ASP B 291 -7.00 -38.70 -22.09
CA ASP B 291 -8.29 -38.84 -22.76
C ASP B 291 -8.95 -40.19 -22.54
N GLU B 292 -8.15 -41.24 -22.64
CA GLU B 292 -8.68 -42.59 -22.59
C GLU B 292 -9.28 -42.91 -21.22
N ALA B 293 -8.81 -42.18 -20.21
CA ALA B 293 -9.34 -42.34 -18.85
C ALA B 293 -10.75 -41.80 -18.73
N THR B 294 -11.13 -40.82 -19.55
CA THR B 294 -12.51 -40.35 -19.59
C THR B 294 -13.44 -41.47 -20.13
N GLU B 295 -13.02 -42.13 -21.21
CA GLU B 295 -13.77 -43.27 -21.74
C GLU B 295 -13.89 -44.40 -20.72
N LEU B 296 -12.79 -44.71 -20.05
CA LEU B 296 -12.76 -45.82 -19.09
C LEU B 296 -13.63 -45.54 -17.86
N PHE B 297 -13.55 -44.30 -17.37
CA PHE B 297 -14.38 -43.87 -16.25
C PHE B 297 -15.87 -44.04 -16.56
N GLN B 298 -16.30 -43.57 -17.75
CA GLN B 298 -17.69 -43.73 -18.18
C GLN B 298 -18.11 -45.20 -18.20
N HIS B 299 -17.17 -46.05 -18.61
CA HIS B 299 -17.43 -47.47 -18.80
C HIS B 299 -17.54 -48.18 -17.44
N VAL B 300 -16.93 -47.60 -16.42
CA VAL B 300 -16.76 -48.27 -15.15
C VAL B 300 -17.53 -47.60 -14.00
N ARG B 301 -18.19 -46.48 -14.31
CA ARG B 301 -18.74 -45.60 -13.28
C ARG B 301 -19.91 -46.22 -12.54
N VAL B 302 -20.77 -46.93 -13.28
CA VAL B 302 -22.00 -47.48 -12.70
C VAL B 302 -21.80 -48.86 -12.09
N LEU B 303 -20.59 -49.41 -12.16
CA LEU B 303 -20.32 -50.71 -11.55
C LEU B 303 -20.27 -50.53 -10.04
N ASN B 304 -21.09 -51.29 -9.32
CA ASN B 304 -21.32 -51.02 -7.90
C ASN B 304 -20.69 -52.04 -6.94
N ASN B 305 -19.83 -52.92 -7.45
CA ASN B 305 -19.15 -53.90 -6.60
C ASN B 305 -17.75 -54.22 -7.10
N SER B 306 -16.91 -54.68 -6.17
CA SER B 306 -15.48 -54.87 -6.43
C SER B 306 -15.19 -56.00 -7.41
N PRO B 307 -15.84 -57.18 -7.22
CA PRO B 307 -15.62 -58.24 -8.20
C PRO B 307 -15.92 -57.82 -9.64
N ASP B 308 -17.02 -57.09 -9.85
CA ASP B 308 -17.33 -56.60 -11.18
C ASP B 308 -16.28 -55.61 -11.68
N ILE B 309 -15.94 -54.63 -10.86
CA ILE B 309 -15.04 -53.59 -11.35
C ILE B 309 -13.67 -54.18 -11.63
N ALA B 310 -13.23 -55.09 -10.76
CA ALA B 310 -11.99 -55.83 -10.93
C ALA B 310 -11.95 -56.56 -12.26
N ARG B 311 -13.06 -57.25 -12.57
CA ARG B 311 -13.19 -58.02 -13.81
C ARG B 311 -13.18 -57.13 -15.06
N ALA B 312 -13.79 -55.95 -14.96
CA ALA B 312 -13.81 -55.00 -16.06
C ALA B 312 -12.40 -54.49 -16.35
N ILE B 313 -11.72 -54.01 -15.32
CA ILE B 313 -10.34 -53.48 -15.47
C ILE B 313 -9.42 -54.59 -15.99
N GLN B 314 -9.55 -55.78 -15.41
CA GLN B 314 -8.69 -56.90 -15.78
C GLN B 314 -8.96 -57.37 -17.21
N ALA B 315 -10.18 -57.17 -17.68
CA ALA B 315 -10.56 -57.58 -19.04
C ALA B 315 -9.91 -56.73 -20.15
N ILE B 316 -9.43 -55.54 -19.81
CA ILE B 316 -8.81 -54.65 -20.80
C ILE B 316 -7.51 -55.26 -21.28
N ASP B 317 -7.33 -55.31 -22.60
CA ASP B 317 -6.15 -55.92 -23.21
C ASP B 317 -5.10 -54.86 -23.60
N ILE B 318 -3.83 -55.24 -23.55
CA ILE B 318 -2.69 -54.35 -23.82
C ILE B 318 -1.78 -54.96 -24.91
N SER C 6 1.09 33.20 3.20
CA SER C 6 0.67 33.71 1.86
C SER C 6 -0.64 33.06 1.43
N MET C 7 -1.32 33.68 0.49
CA MET C 7 -2.71 33.38 0.21
C MET C 7 -3.04 31.97 -0.32
N ARG C 8 -4.05 31.33 0.27
CA ARG C 8 -4.57 30.07 -0.22
CA ARG C 8 -4.59 30.04 -0.18
C ARG C 8 -5.99 30.29 -0.76
N VAL C 9 -6.29 29.73 -1.93
CA VAL C 9 -7.59 29.86 -2.57
C VAL C 9 -8.10 28.48 -2.93
N LEU C 10 -9.25 28.09 -2.37
CA LEU C 10 -9.89 26.82 -2.65
C LEU C 10 -11.03 27.01 -3.61
N LEU C 11 -11.27 25.98 -4.42
CA LEU C 11 -12.35 25.99 -5.36
C LEU C 11 -13.50 25.27 -4.70
N ALA C 12 -14.62 25.95 -4.58
CA ALA C 12 -15.73 25.43 -3.79
C ALA C 12 -16.40 24.23 -4.42
N PRO C 13 -17.10 23.43 -3.60
CA PRO C 13 -17.97 22.45 -4.18
C PRO C 13 -19.23 23.10 -4.73
N MET C 14 -19.58 22.73 -5.95
CA MET C 14 -20.81 23.19 -6.55
C MET C 14 -21.53 22.08 -7.30
N GLU C 15 -22.48 21.45 -6.62
CA GLU C 15 -23.30 20.39 -7.20
C GLU C 15 -23.95 20.83 -8.48
N GLY C 16 -23.84 19.98 -9.51
CA GLY C 16 -24.43 20.29 -10.83
C GLY C 16 -23.69 21.31 -11.68
N VAL C 17 -22.54 21.78 -11.21
CA VAL C 17 -21.74 22.78 -11.90
C VAL C 17 -20.28 22.37 -11.98
N LEU C 18 -19.62 22.24 -10.83
CA LEU C 18 -18.18 21.95 -10.80
C LEU C 18 -17.88 20.48 -10.71
N ASP C 19 -18.21 19.78 -11.80
CA ASP C 19 -17.90 18.36 -11.93
C ASP C 19 -16.44 18.18 -12.37
N SER C 20 -16.02 16.96 -12.63
CA SER C 20 -14.62 16.72 -12.92
C SER C 20 -14.15 17.37 -14.22
N LEU C 21 -15.03 17.50 -15.20
CA LEU C 21 -14.67 18.17 -16.43
C LEU C 21 -14.37 19.65 -16.21
N VAL C 22 -15.22 20.33 -15.45
CA VAL C 22 -14.98 21.76 -15.21
C VAL C 22 -13.80 21.93 -14.27
N ARG C 23 -13.62 21.00 -13.32
CA ARG C 23 -12.45 21.07 -12.47
C ARG C 23 -11.16 20.90 -13.30
N GLU C 24 -11.17 20.02 -14.30
CA GLU C 24 -10.03 19.88 -15.20
C GLU C 24 -9.78 21.20 -15.92
N LEU C 25 -10.82 21.77 -16.52
CA LEU C 25 -10.69 22.98 -17.32
C LEU C 25 -10.16 24.13 -16.51
N LEU C 26 -10.74 24.34 -15.32
CA LEU C 26 -10.40 25.52 -14.51
C LEU C 26 -9.01 25.40 -13.86
N THR C 27 -8.67 24.21 -13.34
CA THR C 27 -7.38 24.05 -12.68
C THR C 27 -6.21 24.24 -13.64
N GLU C 28 -6.41 23.90 -14.89
CA GLU C 28 -5.38 24.13 -15.91
C GLU C 28 -4.99 25.62 -16.03
N VAL C 29 -5.94 26.53 -15.79
CA VAL C 29 -5.72 27.97 -16.01
C VAL C 29 -5.78 28.77 -14.70
N ASN C 30 -5.58 28.09 -13.59
CA ASN C 30 -5.70 28.69 -12.27
C ASN C 30 -4.65 28.15 -11.32
N ASP C 31 -4.51 28.78 -10.17
CA ASP C 31 -3.68 28.27 -9.10
C ASP C 31 -4.58 28.08 -7.89
N TYR C 32 -5.50 27.15 -7.98
CA TYR C 32 -6.30 26.73 -6.82
C TYR C 32 -5.49 25.76 -6.00
N ASP C 33 -5.55 25.88 -4.69
CA ASP C 33 -4.76 25.04 -3.82
C ASP C 33 -5.44 23.71 -3.57
N LEU C 34 -6.74 23.69 -3.78
CA LEU C 34 -7.56 22.53 -3.56
C LEU C 34 -8.95 22.73 -4.17
N CYS C 35 -9.54 21.66 -4.68
CA CYS C 35 -10.96 21.60 -5.04
C CYS C 35 -11.73 20.58 -4.22
N ILE C 36 -13.01 20.85 -3.99
CA ILE C 36 -13.90 19.92 -3.26
C ILE C 36 -14.88 19.34 -4.25
N THR C 37 -15.09 18.02 -4.20
CA THR C 37 -16.09 17.45 -5.09
C THR C 37 -17.51 17.91 -4.74
N GLU C 38 -18.44 17.66 -5.64
CA GLU C 38 -19.87 17.72 -5.36
C GLU C 38 -20.12 16.66 -4.25
N PHE C 39 -21.19 16.84 -3.48
CA PHE C 39 -21.41 15.93 -2.34
C PHE C 39 -21.74 14.50 -2.76
N VAL C 40 -21.22 13.55 -1.99
CA VAL C 40 -21.68 12.17 -1.99
C VAL C 40 -22.71 12.06 -0.87
N ARG C 41 -23.93 11.66 -1.20
CA ARG C 41 -24.99 11.68 -0.23
C ARG C 41 -25.03 10.39 0.58
N VAL C 42 -24.77 10.50 1.88
CA VAL C 42 -24.82 9.34 2.79
C VAL C 42 -26.10 9.33 3.58
N VAL C 43 -26.77 8.15 3.64
CA VAL C 43 -27.91 7.93 4.51
C VAL C 43 -27.50 6.88 5.52
N ASP C 44 -27.74 5.60 5.25
CA ASP C 44 -27.44 4.59 6.24
C ASP C 44 -26.76 3.35 5.64
N GLN C 45 -26.02 3.56 4.55
CA GLN C 45 -25.33 2.49 3.87
C GLN C 45 -23.93 2.91 3.44
N LEU C 46 -23.05 1.93 3.31
CA LEU C 46 -21.77 2.10 2.70
C LEU C 46 -22.00 2.17 1.19
N LEU C 47 -21.66 3.29 0.58
CA LEU C 47 -21.88 3.48 -0.85
C LEU C 47 -20.86 2.65 -1.68
N PRO C 48 -21.28 2.17 -2.87
CA PRO C 48 -20.41 1.35 -3.68
C PRO C 48 -19.32 2.20 -4.32
N VAL C 49 -18.27 1.52 -4.74
CA VAL C 49 -17.07 2.17 -5.27
C VAL C 49 -17.41 3.03 -6.51
N LYS C 50 -18.28 2.53 -7.38
CA LYS C 50 -18.61 3.28 -8.58
C LYS C 50 -19.20 4.67 -8.32
N VAL C 51 -19.88 4.86 -7.19
CA VAL C 51 -20.43 6.18 -6.84
C VAL C 51 -19.28 7.18 -6.59
N PHE C 52 -18.26 6.76 -5.86
CA PHE C 52 -17.12 7.62 -5.58
C PHE C 52 -16.36 7.91 -6.87
N HIS C 53 -16.20 6.91 -7.70
CA HIS C 53 -15.52 7.08 -8.97
C HIS C 53 -16.23 7.99 -9.96
N ARG C 54 -17.57 8.01 -9.95
CA ARG C 54 -18.32 8.87 -10.85
C ARG C 54 -18.26 10.32 -10.37
N ILE C 55 -18.36 10.51 -9.06
CA ILE C 55 -18.26 11.83 -8.48
C ILE C 55 -16.83 12.36 -8.51
N CYS C 56 -15.85 11.47 -8.35
CA CYS C 56 -14.44 11.88 -8.34
C CYS C 56 -13.58 10.99 -9.23
N PRO C 57 -13.64 11.19 -10.54
CA PRO C 57 -12.78 10.41 -11.39
C PRO C 57 -11.30 10.65 -11.10
N GLU C 58 -10.98 11.77 -10.45
CA GLU C 58 -9.59 12.06 -10.10
C GLU C 58 -9.01 11.04 -9.11
N LEU C 59 -9.86 10.20 -8.49
CA LEU C 59 -9.33 9.18 -7.58
C LEU C 59 -8.46 8.18 -8.32
N GLN C 60 -8.65 8.06 -9.64
CA GLN C 60 -7.78 7.23 -10.48
C GLN C 60 -6.44 7.91 -10.81
N ASN C 61 -6.26 9.19 -10.44
CA ASN C 61 -5.00 9.94 -10.65
C ASN C 61 -4.50 10.44 -9.30
N ALA C 62 -4.53 9.57 -8.29
CA ALA C 62 -4.11 9.90 -6.92
C ALA C 62 -4.77 11.17 -6.33
N SER C 63 -6.04 11.36 -6.64
CA SER C 63 -6.81 12.49 -6.14
C SER C 63 -6.42 13.84 -6.70
N ARG C 64 -5.88 13.86 -7.92
CA ARG C 64 -5.45 15.10 -8.59
CA ARG C 64 -5.47 15.10 -8.57
C ARG C 64 -6.15 15.29 -9.93
N THR C 65 -6.47 16.52 -10.26
CA THR C 65 -6.94 16.83 -11.61
C THR C 65 -5.75 16.59 -12.54
N PRO C 66 -5.99 16.65 -13.87
CA PRO C 66 -4.90 16.33 -14.77
C PRO C 66 -3.71 17.30 -14.69
N SER C 67 -3.97 18.56 -14.35
CA SER C 67 -2.90 19.55 -14.20
C SER C 67 -2.22 19.45 -12.81
N GLY C 68 -2.74 18.58 -11.93
CA GLY C 68 -2.09 18.22 -10.69
C GLY C 68 -2.68 18.80 -9.42
N THR C 69 -3.80 19.51 -9.52
CA THR C 69 -4.40 20.15 -8.35
C THR C 69 -5.12 19.08 -7.52
N LEU C 70 -4.91 19.12 -6.22
CA LEU C 70 -5.55 18.17 -5.33
C LEU C 70 -7.05 18.35 -5.19
N VAL C 71 -7.76 17.23 -5.03
CA VAL C 71 -9.20 17.21 -4.93
C VAL C 71 -9.58 16.42 -3.65
N ARG C 72 -10.63 16.85 -2.97
CA ARG C 72 -11.16 16.18 -1.75
C ARG C 72 -12.65 15.86 -1.90
N VAL C 73 -13.00 14.61 -1.64
CA VAL C 73 -14.40 14.16 -1.60
C VAL C 73 -15.17 14.81 -0.42
N GLN C 74 -16.34 15.33 -0.71
CA GLN C 74 -17.27 15.83 0.30
C GLN C 74 -18.40 14.81 0.53
N LEU C 75 -18.71 14.52 1.80
CA LEU C 75 -19.88 13.76 2.19
C LEU C 75 -20.99 14.66 2.72
N LEU C 76 -22.23 14.25 2.48
CA LEU C 76 -23.38 14.89 3.05
C LEU C 76 -24.21 13.81 3.72
N GLY C 77 -24.37 13.92 5.02
CA GLY C 77 -25.10 12.94 5.80
C GLY C 77 -25.07 13.27 7.27
N GLN C 78 -25.58 12.34 8.07
CA GLN C 78 -25.75 12.55 9.52
C GLN C 78 -25.24 11.42 10.41
N PHE C 79 -25.57 10.18 10.09
CA PHE C 79 -25.28 9.08 11.02
C PHE C 79 -23.77 8.84 11.10
N PRO C 80 -23.19 8.94 12.31
CA PRO C 80 -21.75 8.84 12.45
C PRO C 80 -21.19 7.55 11.87
N GLN C 81 -21.82 6.42 12.19
CA GLN C 81 -21.32 5.15 11.68
C GLN C 81 -21.12 5.17 10.17
N TRP C 82 -22.06 5.77 9.44
CA TRP C 82 -22.03 5.68 7.98
C TRP C 82 -21.27 6.80 7.36
N LEU C 83 -21.24 7.97 8.00
CA LEU C 83 -20.26 8.97 7.56
C LEU C 83 -18.84 8.38 7.68
N ALA C 84 -18.59 7.64 8.74
CA ALA C 84 -17.25 7.12 8.98
C ALA C 84 -16.87 6.05 7.96
N GLU C 85 -17.76 5.10 7.69
CA GLU C 85 -17.46 4.06 6.71
C GLU C 85 -17.31 4.65 5.29
N ASN C 86 -18.15 5.59 4.93
CA ASN C 86 -17.97 6.25 3.65
C ASN C 86 -16.71 7.12 3.57
N ALA C 87 -16.31 7.75 4.66
CA ALA C 87 -15.03 8.54 4.67
C ALA C 87 -13.84 7.61 4.47
N ALA C 88 -13.86 6.46 5.17
CA ALA C 88 -12.77 5.50 5.04
C ALA C 88 -12.68 5.00 3.61
N ARG C 89 -13.83 4.74 2.97
CA ARG C 89 -13.80 4.32 1.57
C ARG C 89 -13.27 5.43 0.68
N ALA C 90 -13.73 6.65 0.86
CA ALA C 90 -13.24 7.74 0.02
C ALA C 90 -11.71 7.81 0.08
N VAL C 91 -11.14 7.78 1.30
CA VAL C 91 -9.69 7.84 1.40
C VAL C 91 -8.97 6.56 0.98
N GLU C 92 -9.57 5.37 1.22
CA GLU C 92 -9.00 4.11 0.70
C GLU C 92 -8.87 4.21 -0.83
N LEU C 93 -9.79 4.90 -1.50
CA LEU C 93 -9.76 4.98 -2.95
C LEU C 93 -8.80 6.09 -3.40
N GLY C 94 -8.32 6.92 -2.47
CA GLY C 94 -7.27 7.88 -2.77
C GLY C 94 -7.58 9.33 -2.46
N SER C 95 -8.78 9.65 -1.99
CA SER C 95 -9.11 11.07 -1.71
C SER C 95 -8.14 11.72 -0.70
N TRP C 96 -7.75 12.95 -0.98
CA TRP C 96 -6.85 13.65 -0.08
C TRP C 96 -7.66 14.25 1.08
N GLY C 97 -7.97 13.39 2.02
CA GLY C 97 -8.85 13.73 3.11
C GLY C 97 -10.31 13.64 2.70
N VAL C 98 -11.18 14.22 3.51
CA VAL C 98 -12.60 14.18 3.25
C VAL C 98 -13.24 15.42 3.89
N ASP C 99 -14.30 15.97 3.27
CA ASP C 99 -15.00 17.17 3.75
C ASP C 99 -16.40 16.73 4.16
N LEU C 100 -16.97 17.36 5.18
CA LEU C 100 -18.36 17.17 5.58
C LEU C 100 -19.19 18.42 5.28
N ASN C 101 -20.28 18.24 4.55
CA ASN C 101 -21.23 19.31 4.26
C ASN C 101 -22.12 19.61 5.44
N CYS C 102 -22.09 20.84 5.96
CA CYS C 102 -23.10 21.30 6.91
C CYS C 102 -23.77 22.59 6.44
N GLY C 103 -23.86 22.79 5.14
CA GLY C 103 -24.45 24.02 4.58
C GLY C 103 -25.64 23.83 3.63
N ALA C 104 -25.84 22.63 3.08
CA ALA C 104 -26.82 22.40 2.04
C ALA C 104 -28.22 22.79 2.56
N PRO C 105 -28.98 23.62 1.82
CA PRO C 105 -30.30 24.02 2.29
C PRO C 105 -31.34 22.91 2.28
N SER C 106 -32.19 22.92 3.30
CA SER C 106 -33.29 21.96 3.50
C SER C 106 -32.94 20.52 3.17
N GLY C 111 -37.56 14.33 6.37
CA GLY C 111 -36.48 13.88 5.48
C GLY C 111 -35.22 13.49 6.23
N SER C 112 -34.30 12.79 5.54
CA SER C 112 -33.04 12.35 6.16
C SER C 112 -32.20 13.58 6.50
N GLY C 113 -31.55 13.57 7.65
CA GLY C 113 -30.77 14.71 8.06
C GLY C 113 -29.51 14.85 7.22
N GLY C 114 -28.98 16.05 7.20
CA GLY C 114 -27.69 16.35 6.58
C GLY C 114 -27.61 17.82 6.23
N GLY C 115 -26.46 18.26 5.77
CA GLY C 115 -26.32 19.65 5.36
C GLY C 115 -26.71 20.60 6.49
N ALA C 116 -27.40 21.67 6.15
CA ALA C 116 -27.74 22.72 7.11
C ALA C 116 -28.61 22.28 8.29
N THR C 117 -29.34 21.17 8.17
CA THR C 117 -30.14 20.70 9.28
C THR C 117 -29.24 20.37 10.47
N LEU C 118 -27.99 20.03 10.23
CA LEU C 118 -27.05 19.76 11.33
C LEU C 118 -26.78 21.04 12.12
N LEU C 119 -27.02 22.20 11.51
CA LEU C 119 -26.77 23.46 12.19
C LEU C 119 -27.78 23.69 13.31
N LYS C 120 -28.93 23.00 13.27
CA LYS C 120 -29.91 23.13 14.35
C LYS C 120 -29.50 22.39 15.63
N ASP C 121 -28.60 21.40 15.51
CA ASP C 121 -28.13 20.64 16.67
C ASP C 121 -26.67 20.29 16.44
N PRO C 122 -25.76 21.21 16.80
CA PRO C 122 -24.32 21.05 16.64
C PRO C 122 -23.70 19.81 17.25
N GLU C 123 -24.33 19.23 18.26
CA GLU C 123 -23.94 17.92 18.74
C GLU C 123 -23.83 16.92 17.57
N LEU C 124 -24.72 17.03 16.58
CA LEU C 124 -24.65 16.13 15.44
C LEU C 124 -23.38 16.38 14.62
N ILE C 125 -22.92 17.64 14.57
CA ILE C 125 -21.72 17.98 13.84
C ILE C 125 -20.52 17.35 14.52
N TYR C 126 -20.49 17.49 15.84
CA TYR C 126 -19.45 16.91 16.67
C TYR C 126 -19.39 15.40 16.48
N GLN C 127 -20.54 14.71 16.65
CA GLN C 127 -20.53 13.26 16.52
C GLN C 127 -20.12 12.83 15.10
N GLY C 128 -20.63 13.53 14.08
CA GLY C 128 -20.36 13.16 12.69
C GLY C 128 -18.91 13.36 12.30
N ALA C 129 -18.40 14.55 12.60
CA ALA C 129 -17.02 14.90 12.27
C ALA C 129 -16.02 14.07 13.07
N LYS C 130 -16.35 13.79 14.34
CA LYS C 130 -15.47 13.01 15.18
C LYS C 130 -15.33 11.60 14.60
N ALA C 131 -16.44 10.99 14.21
CA ALA C 131 -16.43 9.63 13.66
C ALA C 131 -15.60 9.58 12.37
N MET C 132 -15.72 10.62 11.55
CA MET C 132 -14.95 10.72 10.33
C MET C 132 -13.48 10.87 10.63
N ARG C 133 -13.14 11.73 11.58
CA ARG C 133 -11.76 11.96 12.00
C ARG C 133 -11.11 10.67 12.50
N GLU C 134 -11.86 9.88 13.27
CA GLU C 134 -11.36 8.60 13.77
C GLU C 134 -11.24 7.51 12.68
N ALA C 135 -12.03 7.59 11.63
CA ALA C 135 -11.97 6.60 10.56
C ALA C 135 -10.90 6.89 9.50
N VAL C 136 -10.39 8.12 9.46
CA VAL C 136 -9.48 8.55 8.41
C VAL C 136 -8.04 8.65 8.98
N PRO C 137 -7.05 8.06 8.27
CA PRO C 137 -5.66 8.16 8.70
C PRO C 137 -5.29 9.57 9.11
N ALA C 138 -4.59 9.66 10.24
CA ALA C 138 -4.42 10.86 11.03
C ALA C 138 -3.92 12.07 10.25
N HIS C 139 -2.94 11.87 9.38
CA HIS C 139 -2.38 13.03 8.63
C HIS C 139 -3.16 13.44 7.41
N LEU C 140 -4.25 12.75 7.08
CA LEU C 140 -5.12 13.24 6.00
C LEU C 140 -6.13 14.22 6.64
N PRO C 141 -6.38 15.37 5.99
CA PRO C 141 -7.31 16.36 6.51
C PRO C 141 -8.77 15.91 6.55
N VAL C 142 -9.46 16.24 7.63
CA VAL C 142 -10.89 16.10 7.69
C VAL C 142 -11.40 17.51 7.89
N SER C 143 -12.09 18.06 6.90
CA SER C 143 -12.58 19.44 6.93
C SER C 143 -14.09 19.47 7.03
N VAL C 144 -14.62 20.62 7.45
CA VAL C 144 -16.06 20.81 7.61
C VAL C 144 -16.39 22.17 7.02
N LYS C 145 -17.46 22.21 6.24
CA LYS C 145 -17.94 23.45 5.66
C LYS C 145 -19.32 23.74 6.24
N VAL C 146 -19.45 24.92 6.84
CA VAL C 146 -20.65 25.32 7.56
C VAL C 146 -21.18 26.64 7.07
N ARG C 147 -22.48 26.82 7.33
CA ARG C 147 -23.09 28.15 7.36
C ARG C 147 -23.11 28.62 8.81
N LEU C 148 -23.51 29.86 9.02
CA LEU C 148 -23.47 30.45 10.34
C LEU C 148 -24.63 30.02 11.20
N GLY C 149 -25.62 29.36 10.62
CA GLY C 149 -26.79 28.96 11.38
C GLY C 149 -27.96 28.64 10.47
N TRP C 150 -29.09 28.27 11.07
CA TRP C 150 -30.25 27.85 10.30
C TRP C 150 -31.05 29.09 9.90
N ASP C 151 -31.67 29.77 10.86
CA ASP C 151 -32.36 31.03 10.56
C ASP C 151 -31.82 32.21 11.37
N SER C 152 -30.70 32.03 12.03
CA SER C 152 -30.00 33.12 12.71
C SER C 152 -28.57 32.67 12.96
N GLY C 153 -27.72 33.61 13.36
CA GLY C 153 -26.32 33.32 13.61
C GLY C 153 -26.03 33.07 15.07
N GLU C 154 -27.09 32.77 15.83
CA GLU C 154 -27.01 32.64 17.28
C GLU C 154 -26.13 31.48 17.77
N LYS C 155 -26.23 30.32 17.12
CA LYS C 155 -25.45 29.12 17.45
C LYS C 155 -24.06 29.06 16.79
N LYS C 156 -23.58 30.12 16.15
CA LYS C 156 -22.40 29.96 15.30
C LYS C 156 -21.14 29.51 16.05
N PHE C 157 -20.99 29.93 17.30
CA PHE C 157 -19.91 29.42 18.16
C PHE C 157 -20.11 27.98 18.64
N GLU C 158 -21.36 27.56 18.88
CA GLU C 158 -21.64 26.16 19.17
C GLU C 158 -21.25 25.32 17.96
N ILE C 159 -21.54 25.82 16.77
CA ILE C 159 -21.19 25.14 15.55
C ILE C 159 -19.67 25.07 15.35
N ALA C 160 -19.00 26.20 15.51
CA ALA C 160 -17.54 26.25 15.37
C ALA C 160 -16.87 25.35 16.40
N ASP C 161 -17.33 25.45 17.64
CA ASP C 161 -16.75 24.69 18.73
C ASP C 161 -16.87 23.19 18.47
N ALA C 162 -18.04 22.72 18.03
CA ALA C 162 -18.23 21.32 17.63
C ALA C 162 -17.20 20.81 16.61
N VAL C 163 -16.92 21.60 15.58
CA VAL C 163 -15.95 21.22 14.58
C VAL C 163 -14.56 21.07 15.22
N GLN C 164 -14.15 22.07 15.98
CA GLN C 164 -12.85 22.01 16.64
C GLN C 164 -12.76 20.87 17.66
N GLN C 165 -13.75 20.71 18.51
CA GLN C 165 -13.74 19.65 19.52
CA GLN C 165 -13.76 19.65 19.52
C GLN C 165 -13.77 18.25 18.90
N ALA C 166 -14.37 18.12 17.72
CA ALA C 166 -14.36 16.87 16.98
C ALA C 166 -12.98 16.43 16.49
N GLY C 167 -12.06 17.37 16.34
CA GLY C 167 -10.69 17.09 15.91
C GLY C 167 -10.49 17.35 14.43
N ALA C 168 -11.39 18.13 13.83
CA ALA C 168 -11.25 18.46 12.42
C ALA C 168 -10.02 19.31 12.16
N THR C 169 -9.51 19.22 10.95
CA THR C 169 -8.31 19.87 10.56
C THR C 169 -8.53 21.34 10.23
N GLU C 170 -9.65 21.66 9.60
CA GLU C 170 -9.96 23.04 9.18
C GLU C 170 -11.45 23.22 8.96
N LEU C 171 -11.89 24.48 8.90
CA LEU C 171 -13.29 24.82 8.86
C LEU C 171 -13.46 25.88 7.79
N VAL C 172 -14.35 25.63 6.84
CA VAL C 172 -14.74 26.63 5.87
C VAL C 172 -16.05 27.21 6.37
N VAL C 173 -16.12 28.55 6.41
CA VAL C 173 -17.32 29.24 6.88
C VAL C 173 -17.91 30.08 5.73
N HIS C 174 -19.10 29.69 5.31
CA HIS C 174 -19.90 30.41 4.40
C HIS C 174 -20.68 31.36 5.29
N GLY C 175 -20.40 32.64 5.12
CA GLY C 175 -20.84 33.69 6.03
C GLY C 175 -22.29 34.15 5.91
N ARG C 176 -23.20 33.18 5.79
CA ARG C 176 -24.61 33.44 5.73
C ARG C 176 -25.31 32.31 6.47
N THR C 177 -26.52 32.59 6.95
CA THR C 177 -27.38 31.51 7.46
C THR C 177 -28.00 30.76 6.30
N LYS C 178 -28.61 29.62 6.61
CA LYS C 178 -29.31 28.88 5.58
C LYS C 178 -30.45 29.73 5.01
N GLU C 179 -31.25 30.38 5.86
CA GLU C 179 -32.39 31.19 5.42
CA GLU C 179 -32.39 31.12 5.33
C GLU C 179 -31.97 32.38 4.57
N GLN C 180 -30.75 32.85 4.75
CA GLN C 180 -30.24 33.96 3.93
C GLN C 180 -29.81 33.55 2.52
N GLY C 181 -29.74 32.25 2.25
CA GLY C 181 -29.51 31.76 0.89
C GLY C 181 -28.24 32.27 0.24
N TYR C 182 -28.40 32.85 -0.96
CA TYR C 182 -27.31 33.45 -1.71
C TYR C 182 -27.54 34.95 -1.89
N ARG C 183 -28.28 35.56 -0.96
CA ARG C 183 -28.56 37.01 -1.05
C ARG C 183 -27.30 37.79 -0.64
N ALA C 184 -26.84 38.67 -1.53
CA ALA C 184 -25.59 39.42 -1.32
C ALA C 184 -25.61 40.31 -0.06
N GLU C 185 -26.75 40.91 0.23
CA GLU C 185 -26.82 41.90 1.31
C GLU C 185 -26.53 41.31 2.70
N HIS C 186 -26.55 39.98 2.84
CA HIS C 186 -26.43 39.36 4.15
C HIS C 186 -25.09 38.73 4.45
N ILE C 187 -24.12 38.90 3.56
CA ILE C 187 -22.79 38.31 3.79
C ILE C 187 -22.17 38.94 5.03
N ASP C 188 -21.64 38.11 5.92
CA ASP C 188 -21.11 38.56 7.21
C ASP C 188 -19.67 38.06 7.37
N TRP C 189 -18.73 38.79 6.81
CA TRP C 189 -17.32 38.45 6.89
C TRP C 189 -16.73 38.63 8.28
N GLN C 190 -17.27 39.61 9.01
CA GLN C 190 -16.88 39.89 10.38
C GLN C 190 -17.14 38.69 11.29
N ALA C 191 -18.26 38.01 11.07
CA ALA C 191 -18.64 36.82 11.83
C ALA C 191 -17.63 35.71 11.57
N ILE C 192 -17.16 35.62 10.33
CA ILE C 192 -16.12 34.66 10.01
C ILE C 192 -14.87 34.96 10.81
N GLY C 193 -14.48 36.23 10.85
CA GLY C 193 -13.36 36.68 11.68
C GLY C 193 -13.51 36.39 13.18
N ASP C 194 -14.73 36.46 13.69
CA ASP C 194 -14.99 36.11 15.08
C ASP C 194 -14.68 34.63 15.30
N ILE C 195 -15.18 33.79 14.41
CA ILE C 195 -14.87 32.37 14.47
C ILE C 195 -13.37 32.08 14.36
N ARG C 196 -12.72 32.68 13.34
CA ARG C 196 -11.27 32.53 13.20
C ARG C 196 -10.50 32.74 14.51
N GLN C 197 -10.81 33.84 15.20
CA GLN C 197 -10.09 34.22 16.40
C GLN C 197 -10.34 33.31 17.59
N ARG C 198 -11.53 32.73 17.66
CA ARG C 198 -11.89 31.83 18.75
C ARG C 198 -11.20 30.45 18.60
N LEU C 199 -11.10 29.97 17.37
CA LEU C 199 -10.61 28.63 17.11
C LEU C 199 -9.09 28.60 16.94
N ASN C 200 -8.51 27.43 17.16
CA ASN C 200 -7.09 27.22 16.96
C ASN C 200 -6.83 26.31 15.77
N ILE C 201 -7.84 26.06 14.93
CA ILE C 201 -7.64 25.43 13.63
C ILE C 201 -7.90 26.48 12.56
N PRO C 202 -7.35 26.27 11.35
CA PRO C 202 -7.56 27.20 10.24
C PRO C 202 -9.04 27.38 9.87
N VAL C 203 -9.43 28.62 9.65
CA VAL C 203 -10.75 28.98 9.18
C VAL C 203 -10.59 29.61 7.81
N ILE C 204 -11.39 29.14 6.88
CA ILE C 204 -11.31 29.56 5.50
C ILE C 204 -12.59 30.37 5.21
N ALA C 205 -12.44 31.59 4.72
CA ALA C 205 -13.60 32.44 4.47
C ALA C 205 -14.28 32.12 3.13
N ASN C 206 -15.61 32.14 3.14
CA ASN C 206 -16.38 31.86 1.94
C ASN C 206 -17.62 32.76 1.84
N GLY C 207 -17.84 33.27 0.62
CA GLY C 207 -19.06 34.02 0.28
C GLY C 207 -18.76 35.37 -0.31
N GLU C 208 -19.23 35.59 -1.54
CA GLU C 208 -19.27 36.91 -2.19
C GLU C 208 -17.90 37.41 -2.58
N ILE C 209 -17.01 36.49 -2.92
CA ILE C 209 -15.72 36.87 -3.49
C ILE C 209 -15.85 36.78 -5.00
N TRP C 210 -15.76 37.93 -5.67
CA TRP C 210 -15.96 38.05 -7.12
C TRP C 210 -14.74 38.57 -7.89
N ASP C 211 -13.81 39.23 -7.21
CA ASP C 211 -12.70 39.85 -7.90
C ASP C 211 -11.62 40.18 -6.90
N TRP C 212 -10.57 40.85 -7.37
CA TRP C 212 -9.42 41.10 -6.52
C TRP C 212 -9.83 41.90 -5.30
N GLN C 213 -10.54 42.99 -5.54
CA GLN C 213 -10.92 43.92 -4.50
C GLN C 213 -11.81 43.27 -3.43
N SER C 214 -12.85 42.57 -3.84
CA SER C 214 -13.71 41.93 -2.84
C SER C 214 -12.94 40.84 -2.04
N ALA C 215 -11.96 40.20 -2.66
CA ALA C 215 -11.14 39.25 -1.88
C ALA C 215 -10.26 39.98 -0.87
N GLN C 216 -9.72 41.14 -1.24
CA GLN C 216 -8.97 41.96 -0.29
C GLN C 216 -9.83 42.37 0.89
N GLN C 217 -11.07 42.80 0.61
CA GLN C 217 -11.96 43.24 1.66
C GLN C 217 -12.27 42.10 2.61
N CYS C 218 -12.56 40.95 2.03
CA CYS C 218 -12.94 39.77 2.82
C CYS C 218 -11.79 39.38 3.77
N MET C 219 -10.57 39.38 3.25
CA MET C 219 -9.41 39.02 4.05
C MET C 219 -9.07 40.09 5.08
N ALA C 220 -9.30 41.35 4.76
CA ALA C 220 -9.08 42.44 5.70
C ALA C 220 -10.03 42.34 6.88
N ILE C 221 -11.29 42.03 6.62
CA ILE C 221 -12.31 42.01 7.67
C ILE C 221 -12.30 40.70 8.46
N SER C 222 -12.28 39.56 7.79
CA SER C 222 -12.24 38.26 8.47
C SER C 222 -10.87 37.94 9.08
N GLY C 223 -9.81 38.57 8.55
CA GLY C 223 -8.44 38.27 8.98
C GLY C 223 -7.97 36.91 8.46
N CYS C 224 -8.75 36.29 7.59
CA CYS C 224 -8.38 35.02 6.97
C CYS C 224 -7.42 35.26 5.83
N ASP C 225 -6.45 34.39 5.64
CA ASP C 225 -5.76 34.42 4.34
C ASP C 225 -5.88 33.10 3.56
N ALA C 226 -6.94 32.36 3.86
CA ALA C 226 -7.42 31.34 2.97
C ALA C 226 -8.88 31.64 2.66
N VAL C 227 -9.25 31.64 1.39
CA VAL C 227 -10.64 31.81 0.98
C VAL C 227 -11.07 30.69 0.06
N MET C 228 -12.39 30.52 -0.05
CA MET C 228 -12.98 29.57 -0.95
C MET C 228 -13.92 30.36 -1.87
N ILE C 229 -13.79 30.09 -3.16
CA ILE C 229 -14.60 30.78 -4.14
C ILE C 229 -15.46 29.79 -4.94
N GLY C 230 -16.76 30.12 -4.99
CA GLY C 230 -17.77 29.32 -5.70
C GLY C 230 -18.18 29.99 -6.99
N ARG C 231 -19.27 30.74 -6.93
CA ARG C 231 -19.91 31.26 -8.12
C ARG C 231 -18.99 32.15 -8.96
N GLY C 232 -18.16 32.94 -8.27
CA GLY C 232 -17.26 33.87 -8.94
C GLY C 232 -16.25 33.17 -9.83
N ALA C 233 -15.94 31.91 -9.49
CA ALA C 233 -15.06 31.09 -10.29
C ALA C 233 -15.62 30.69 -11.64
N LEU C 234 -16.95 30.69 -11.77
CA LEU C 234 -17.60 30.50 -13.07
C LEU C 234 -17.70 31.81 -13.83
N ASN C 235 -18.12 32.87 -13.15
CA ASN C 235 -18.19 34.25 -13.73
C ASN C 235 -16.87 34.71 -14.36
N ILE C 236 -15.77 34.39 -13.67
CA ILE C 236 -14.42 34.79 -14.08
C ILE C 236 -13.54 33.54 -13.98
N PRO C 237 -13.29 32.87 -15.13
CA PRO C 237 -12.66 31.54 -15.14
C PRO C 237 -11.26 31.48 -14.55
N ASN C 238 -10.55 32.60 -14.52
CA ASN C 238 -9.22 32.66 -13.90
C ASN C 238 -9.24 33.38 -12.54
N LEU C 239 -10.33 33.23 -11.77
CA LEU C 239 -10.48 34.06 -10.58
C LEU C 239 -9.36 33.85 -9.57
N SER C 240 -8.85 32.63 -9.48
CA SER C 240 -7.78 32.36 -8.54
C SER C 240 -6.59 33.29 -8.78
N ARG C 241 -6.26 33.51 -10.04
CA ARG C 241 -5.12 34.36 -10.42
CA ARG C 241 -5.11 34.35 -10.38
C ARG C 241 -5.43 35.85 -10.29
N VAL C 242 -6.70 36.22 -10.53
CA VAL C 242 -7.17 37.57 -10.29
C VAL C 242 -7.02 37.89 -8.77
N VAL C 243 -7.50 36.98 -7.96
CA VAL C 243 -7.45 37.14 -6.52
C VAL C 243 -6.03 37.12 -5.92
N LYS C 244 -5.21 36.14 -6.32
CA LYS C 244 -3.86 35.99 -5.75
C LYS C 244 -2.88 37.09 -6.21
N TYR C 245 -2.94 37.46 -7.49
CA TYR C 245 -1.90 38.27 -8.12
C TYR C 245 -2.43 39.55 -8.75
N ASN C 246 -3.73 39.79 -8.67
CA ASN C 246 -4.36 40.96 -9.22
C ASN C 246 -4.25 40.99 -10.74
N GLU C 247 -4.18 39.82 -11.37
CA GLU C 247 -4.12 39.77 -12.82
C GLU C 247 -5.47 40.19 -13.39
N PRO C 248 -5.52 40.66 -14.64
CA PRO C 248 -6.83 40.94 -15.21
C PRO C 248 -7.63 39.68 -15.40
N ARG C 249 -8.95 39.85 -15.43
CA ARG C 249 -9.85 38.77 -15.77
C ARG C 249 -9.49 38.22 -17.14
N MET C 250 -9.69 36.92 -17.32
CA MET C 250 -9.42 36.27 -18.58
C MET C 250 -10.13 37.00 -19.71
N PRO C 251 -9.40 37.34 -20.77
CA PRO C 251 -10.10 38.03 -21.86
C PRO C 251 -11.15 37.13 -22.51
N TRP C 252 -12.19 37.76 -23.05
CA TRP C 252 -13.26 37.04 -23.71
C TRP C 252 -12.80 35.97 -24.70
N PRO C 253 -11.87 36.32 -25.63
CA PRO C 253 -11.44 35.29 -26.60
C PRO C 253 -10.90 33.99 -25.97
N GLU C 254 -10.18 34.13 -24.86
CA GLU C 254 -9.72 32.98 -24.08
C GLU C 254 -10.86 32.27 -23.34
N VAL C 255 -11.88 33.00 -22.89
CA VAL C 255 -13.06 32.34 -22.32
C VAL C 255 -13.72 31.46 -23.39
N VAL C 256 -13.87 32.00 -24.59
CA VAL C 256 -14.49 31.23 -25.68
C VAL C 256 -13.66 29.98 -26.00
N ALA C 257 -12.34 30.11 -26.03
CA ALA C 257 -11.49 28.94 -26.21
C ALA C 257 -11.72 27.87 -25.13
N LEU C 258 -11.97 28.30 -23.89
CA LEU C 258 -12.19 27.36 -22.80
C LEU C 258 -13.48 26.60 -23.04
N LEU C 259 -14.50 27.31 -23.51
CA LEU C 259 -15.79 26.70 -23.78
C LEU C 259 -15.66 25.71 -24.93
N GLN C 260 -14.84 26.04 -25.91
CA GLN C 260 -14.61 25.16 -27.04
C GLN C 260 -13.97 23.88 -26.54
N LYS C 261 -12.96 24.05 -25.70
CA LYS C 261 -12.32 22.92 -25.04
C LYS C 261 -13.35 22.06 -24.29
N TYR C 262 -14.27 22.70 -23.57
CA TYR C 262 -15.32 21.97 -22.83
C TYR C 262 -16.11 21.09 -23.75
N THR C 263 -16.49 21.61 -24.92
CA THR C 263 -17.34 20.85 -25.84
C THR C 263 -16.63 19.61 -26.38
N ARG C 264 -15.32 19.53 -26.24
CA ARG C 264 -14.55 18.40 -26.73
CA ARG C 264 -14.57 18.37 -26.73
C ARG C 264 -14.27 17.36 -25.62
N LEU C 265 -14.68 17.64 -24.39
CA LEU C 265 -14.45 16.65 -23.30
C LEU C 265 -15.64 15.70 -23.23
N GLU C 266 -15.40 14.40 -23.00
CA GLU C 266 -16.49 13.42 -22.88
C GLU C 266 -16.98 13.40 -21.46
N LYS C 267 -18.29 13.44 -21.29
CA LYS C 267 -18.87 13.22 -19.98
C LYS C 267 -19.31 11.76 -19.85
N GLN C 268 -18.65 11.02 -18.96
CA GLN C 268 -19.04 9.65 -18.62
C GLN C 268 -20.50 9.58 -18.12
N GLY C 269 -21.30 8.69 -18.71
CA GLY C 269 -22.73 8.55 -18.39
C GLY C 269 -23.62 9.66 -18.91
N ASP C 270 -23.12 10.47 -19.82
CA ASP C 270 -23.93 11.50 -20.51
C ASP C 270 -25.20 10.89 -21.08
N THR C 271 -26.36 11.33 -20.59
CA THR C 271 -27.62 10.82 -21.10
C THR C 271 -28.03 11.56 -22.36
N GLY C 272 -27.20 12.49 -22.83
CA GLY C 272 -27.29 13.00 -24.19
C GLY C 272 -27.30 14.51 -24.35
N LEU C 273 -27.63 15.22 -23.28
CA LEU C 273 -27.76 16.67 -23.35
C LEU C 273 -26.77 17.39 -22.43
N TYR C 274 -25.75 16.69 -21.95
CA TYR C 274 -24.83 17.32 -21.01
C TYR C 274 -24.29 18.65 -21.55
N HIS C 275 -23.76 18.71 -22.76
CA HIS C 275 -23.13 19.96 -23.20
C HIS C 275 -24.13 21.04 -23.48
N VAL C 276 -25.34 20.65 -23.88
CA VAL C 276 -26.43 21.59 -23.98
C VAL C 276 -26.68 22.24 -22.62
N ALA C 277 -26.88 21.43 -21.59
CA ALA C 277 -27.21 21.95 -20.28
C ALA C 277 -26.08 22.85 -19.78
N ARG C 278 -24.85 22.34 -19.86
CA ARG C 278 -23.76 22.96 -19.15
C ARG C 278 -23.11 24.13 -19.86
N ILE C 279 -23.14 24.15 -21.18
CA ILE C 279 -22.70 25.36 -21.91
C ILE C 279 -23.69 26.46 -21.59
N LYS C 280 -24.98 26.14 -21.60
CA LYS C 280 -25.96 27.18 -21.35
C LYS C 280 -25.84 27.66 -19.91
N GLN C 281 -25.67 26.73 -18.99
CA GLN C 281 -25.51 27.06 -17.58
C GLN C 281 -24.29 27.95 -17.40
N TRP C 282 -23.14 27.57 -17.95
CA TRP C 282 -21.93 28.38 -17.73
C TRP C 282 -22.11 29.77 -18.33
N LEU C 283 -22.69 29.84 -19.51
CA LEU C 283 -22.95 31.15 -20.12
C LEU C 283 -23.84 32.06 -19.26
N SER C 284 -24.79 31.47 -18.53
CA SER C 284 -25.64 32.26 -17.64
C SER C 284 -24.83 32.86 -16.48
N TYR C 285 -23.76 32.20 -16.04
CA TYR C 285 -22.80 32.83 -15.11
C TYR C 285 -21.99 33.91 -15.82
N LEU C 286 -21.38 33.57 -16.96
CA LEU C 286 -20.48 34.51 -17.66
C LEU C 286 -21.11 35.81 -18.08
N ARG C 287 -22.42 35.83 -18.28
CA ARG C 287 -22.99 37.08 -18.69
C ARG C 287 -23.26 38.05 -17.55
N LYS C 288 -23.02 37.62 -16.32
CA LYS C 288 -23.03 38.53 -15.19
C LYS C 288 -21.76 39.38 -15.19
N GLU C 289 -20.78 38.96 -16.00
CA GLU C 289 -19.46 39.59 -16.04
C GLU C 289 -19.08 40.10 -17.45
N TYR C 290 -19.29 39.29 -18.49
CA TYR C 290 -18.86 39.64 -19.85
C TYR C 290 -20.05 40.04 -20.73
N ASP C 291 -20.08 41.27 -21.21
CA ASP C 291 -21.13 41.69 -22.14
C ASP C 291 -21.26 40.74 -23.33
N GLU C 292 -20.12 40.26 -23.81
CA GLU C 292 -20.07 39.36 -24.95
C GLU C 292 -20.81 38.06 -24.70
N ALA C 293 -20.88 37.59 -23.46
CA ALA C 293 -21.60 36.35 -23.15
C ALA C 293 -23.10 36.43 -23.41
N THR C 294 -23.67 37.61 -23.28
CA THR C 294 -25.09 37.83 -23.57
C THR C 294 -25.38 37.54 -25.04
N GLU C 295 -24.51 38.03 -25.94
CA GLU C 295 -24.68 37.79 -27.37
C GLU C 295 -24.49 36.31 -27.70
N LEU C 296 -23.45 35.70 -27.15
CA LEU C 296 -23.22 34.28 -27.38
C LEU C 296 -24.37 33.42 -26.85
N PHE C 297 -24.88 33.75 -25.66
CA PHE C 297 -26.02 33.01 -25.07
C PHE C 297 -27.25 33.09 -25.98
N GLN C 298 -27.53 34.30 -26.42
CA GLN C 298 -28.65 34.51 -27.34
C GLN C 298 -28.47 33.68 -28.61
N HIS C 299 -27.23 33.52 -29.04
CA HIS C 299 -26.91 32.79 -30.26
C HIS C 299 -27.09 31.26 -30.12
N VAL C 300 -26.83 30.69 -28.92
CA VAL C 300 -26.99 29.25 -28.70
C VAL C 300 -28.23 28.90 -27.85
N ARG C 301 -29.02 29.92 -27.52
CA ARG C 301 -30.19 29.77 -26.64
CA ARG C 301 -30.22 29.81 -26.69
C ARG C 301 -31.06 28.61 -27.08
N VAL C 302 -31.42 28.57 -28.35
CA VAL C 302 -32.39 27.62 -28.86
C VAL C 302 -31.83 26.31 -29.45
N LEU C 303 -30.52 26.12 -29.41
CA LEU C 303 -29.93 24.88 -29.87
C LEU C 303 -30.26 23.81 -28.82
N ASN C 304 -30.91 22.74 -29.21
CA ASN C 304 -31.41 21.76 -28.24
C ASN C 304 -30.78 20.35 -28.30
N ASN C 305 -29.66 20.21 -29.00
CA ASN C 305 -28.92 18.96 -28.98
C ASN C 305 -27.44 19.20 -28.97
N SER C 306 -26.70 18.22 -28.48
CA SER C 306 -25.28 18.40 -28.24
C SER C 306 -24.45 18.56 -29.50
N PRO C 307 -24.73 17.79 -30.56
CA PRO C 307 -24.02 18.03 -31.82
C PRO C 307 -24.11 19.50 -32.29
N ASP C 308 -25.28 20.10 -32.22
CA ASP C 308 -25.48 21.49 -32.67
C ASP C 308 -24.80 22.53 -31.78
N ILE C 309 -24.91 22.37 -30.47
CA ILE C 309 -24.26 23.33 -29.59
C ILE C 309 -22.73 23.20 -29.70
N ALA C 310 -22.23 21.98 -29.84
CA ALA C 310 -20.78 21.80 -30.04
C ALA C 310 -20.31 22.41 -31.35
N ARG C 311 -21.05 22.22 -32.43
CA ARG C 311 -20.66 22.83 -33.69
C ARG C 311 -20.69 24.36 -33.63
N ALA C 312 -21.74 24.92 -33.02
CA ALA C 312 -21.88 26.38 -32.95
C ALA C 312 -20.76 27.01 -32.11
N ILE C 313 -20.41 26.39 -30.99
CA ILE C 313 -19.36 26.94 -30.12
C ILE C 313 -17.99 26.83 -30.80
N GLN C 314 -17.74 25.69 -31.42
CA GLN C 314 -16.49 25.42 -32.11
C GLN C 314 -16.29 26.23 -33.37
N ALA C 315 -17.37 26.71 -33.97
CA ALA C 315 -17.27 27.51 -35.19
C ALA C 315 -16.82 28.96 -34.88
N ILE C 316 -16.82 29.36 -33.63
CA ILE C 316 -16.44 30.72 -33.30
C ILE C 316 -14.95 30.90 -33.53
N ASP C 317 -14.64 31.85 -34.42
CA ASP C 317 -13.28 32.16 -34.84
C ASP C 317 -12.65 33.09 -33.81
N ILE C 318 -11.80 32.53 -32.95
CA ILE C 318 -11.22 33.24 -31.81
C ILE C 318 -10.37 34.47 -32.19
N GLU C 319 -9.67 34.40 -33.33
CA GLU C 319 -8.88 35.53 -33.76
C GLU C 319 -9.72 36.72 -34.26
N LYS C 320 -10.99 36.49 -34.67
CA LYS C 320 -11.81 37.56 -35.28
C LYS C 320 -12.68 38.30 -34.26
N1 FMN G . 20.36 12.80 0.13
C2 FMN G . 19.65 12.62 -1.00
O2 FMN G . 19.26 13.58 -1.69
N3 FMN G . 19.34 11.37 -1.41
C4 FMN G . 19.71 10.19 -0.79
O4 FMN G . 19.31 9.13 -1.22
C4A FMN G . 20.49 10.39 0.38
N5 FMN G . 20.89 9.34 1.03
C5A FMN G . 21.53 9.54 2.23
C6 FMN G . 21.92 8.41 2.97
C7 FMN G . 22.56 8.55 4.19
C7M FMN G . 22.89 7.31 4.98
C8 FMN G . 22.83 9.83 4.70
C8M FMN G . 23.55 10.02 6.00
C9 FMN G . 22.44 10.95 3.96
C9A FMN G . 21.80 10.81 2.74
N10 FMN G . 21.39 11.94 1.97
C10 FMN G . 20.76 11.74 0.79
C1' FMN G . 21.57 13.31 2.47
C2' FMN G . 20.50 13.64 3.50
O2' FMN G . 19.23 13.73 2.85
C3' FMN G . 20.76 14.99 4.17
O3' FMN G . 20.83 16.02 3.17
C4' FMN G . 22.01 14.97 5.06
O4' FMN G . 22.01 13.80 5.88
C5' FMN G . 22.15 16.21 5.91
O5' FMN G . 21.03 16.33 6.83
P FMN G . 21.16 15.88 8.34
O1P FMN G . 21.46 14.44 8.37
O2P FMN G . 22.26 16.62 9.01
O3P FMN G . 19.85 16.34 8.96
MG MG H . -12.21 -48.99 3.29
N1 FMN I . -1.83 -32.70 3.61
C2 FMN I . -1.37 -33.21 4.77
O2 FMN I . -0.50 -32.63 5.43
N3 FMN I . -1.95 -34.38 5.27
C4 FMN I . -3.00 -35.07 4.71
O4 FMN I . -3.42 -36.09 5.25
C4A FMN I . -3.50 -34.46 3.47
N5 FMN I . -4.48 -35.04 2.85
C5A FMN I . -4.85 -34.55 1.62
C6 FMN I . -5.86 -35.20 0.91
C7 FMN I . -6.25 -34.77 -0.36
C7M FMN I . -7.34 -35.51 -1.08
C8 FMN I . -5.61 -33.64 -0.94
C8M FMN I . -6.12 -33.05 -2.22
C9 FMN I . -4.59 -33.00 -0.24
C9A FMN I . -4.20 -33.44 1.03
N10 FMN I . -3.17 -32.80 1.75
C10 FMN I . -2.82 -33.30 2.98
C1' FMN I . -2.37 -31.71 1.17
C2' FMN I . -1.30 -32.26 0.23
O2' FMN I . -0.27 -32.92 0.97
C3' FMN I . -0.67 -31.16 -0.63
O3' FMN I . -0.01 -30.24 0.24
C4' FMN I . -1.65 -30.39 -1.51
O4' FMN I . -2.41 -31.31 -2.30
C5' FMN I . -0.95 -29.36 -2.38
O5' FMN I . -0.05 -30.06 -3.26
P FMN I . -0.38 -30.36 -4.76
O1P FMN I . -0.77 -29.06 -5.43
O2P FMN I . 0.82 -31.07 -5.35
O3P FMN I . -1.54 -31.41 -4.81
N1 FMN J . -21.75 23.65 -1.02
C2 FMN J . -21.36 22.38 -0.62
O2 FMN J . -20.79 22.18 0.45
N3 FMN J . -21.62 21.33 -1.42
C4 FMN J . -22.28 21.38 -2.63
O4 FMN J . -22.43 20.36 -3.28
C4A FMN J . -22.70 22.72 -3.03
N5 FMN J . -23.30 22.85 -4.19
C5A FMN J . -23.58 24.15 -4.63
C6 FMN J . -24.17 24.33 -5.88
C7 FMN J . -24.48 25.59 -6.37
C7M FMN J . -25.16 25.73 -7.70
C8 FMN J . -24.17 26.72 -5.59
C8M FMN J . -24.50 28.11 -6.07
C9 FMN J . -23.55 26.55 -4.35
C9A FMN J . -23.25 25.27 -3.86
N10 FMN J . -22.64 25.07 -2.60
C10 FMN J . -22.36 23.79 -2.17
C1' FMN J . -22.18 26.21 -1.78
C2' FMN J . -20.87 26.76 -2.34
O2' FMN J . -19.81 25.82 -2.12
C3' FMN J . -20.49 28.10 -1.70
O3' FMN J . -20.34 27.95 -0.29
C4' FMN J . -21.49 29.23 -1.95
O4' FMN J . -21.78 29.36 -3.34
C5' FMN J . -21.06 30.56 -1.38
O5' FMN J . -19.81 30.95 -1.98
P FMN J . -19.72 32.04 -3.21
O1P FMN J . -18.31 32.16 -3.51
O2P FMN J . -20.47 31.48 -4.33
O3P FMN J . -20.39 33.27 -2.70
MN MN K . 29.74 1.13 -9.55
MG MG L . 36.13 -10.67 3.78
MG MG M . 38.39 -8.31 -0.72
MG MG N . 36.21 -11.96 13.98
MG MG O . 13.65 -12.93 -24.77
MG MG P . 32.68 1.04 10.99
MG MG Q . 24.49 2.63 3.41
MG MG R . 38.80 -0.29 9.83
MG MG S . 23.09 -12.55 -6.00
MN MN T . -16.35 -34.66 13.42
MG MG U . -29.26 -39.94 1.07
MG MG V . -18.72 -34.28 -6.81
MG MG W . -16.68 -49.21 11.95
MG MG X . -14.32 -60.06 31.75
MG MG Y . -11.53 -37.75 0.49
MG MG Z . -29.26 -36.40 4.94
MG MG AA . -22.77 -38.80 22.24
MG MG BA . -13.48 -54.89 30.04
MN MN CA . -36.41 13.98 -2.64
MG MG DA . -30.73 -11.05 -7.95
MG MG EA . -44.14 21.00 -18.20
MG MG FA . -46.22 19.29 -13.08
MG MG GA . -34.93 30.98 -14.09
MG MG HA . -33.93 7.79 -16.24
MG MG IA . -42.79 4.57 -3.55
MG MG JA . -42.60 28.45 -25.34
MG MG KA . -28.64 22.78 -10.09
#